data_7C81
#
_entry.id   7C81
#
loop_
_entity.id
_entity.type
_entity.pdbx_description
1 polymer VP1
2 polymer VP2
3 polymer VP3
4 polymer VP4
5 polymer 'Light chain'
6 polymer 'Heavy chain'
7 non-polymer SPHINGOSINE
#
loop_
_entity_poly.entity_id
_entity_poly.type
_entity_poly.pdbx_seq_one_letter_code
_entity_poly.pdbx_strand_id
1 'polypeptide(L)'
;NDPESALNRAVGRVADTVASGPVNTEQIPALTAVETGHTSQVVPSDTMQTRHVINYHTRSESSIENFMGRAACVYIAQYA
TEKVNDELDRYTNWEITTRQVAQLRRKLEMFTYMRFDLEITFVITSSQRTSTTYASDSPPLTHQVMYVPPGGPIPKSYED
FAWQTSTNPSVFWTEGNAPPRMSIPFMSVGNAYCNFYDGWSHFSQSGVYGYTTLNNMGHLYFRHVNKSTAYPVNSVARVY
FKPKHVKAWVPRAPRLCPYLKARNVNFNVQGVTESRNKITLDRSTHNPLANT
;
A
2 'polypeptide(L)'
;SPTVEECGYSDRVRSITLGNSTITTQECANVVVGYGVWPTYLSDHEATAVDQPTQPDVATCRFYTLESVKWESSSAGWWW
KFPEALSDMGLFGQNMQYHYLGRTGYTIHVQCNASKFHQGCLLVVCVPEAEMGAATTDHAFNHTKLSNIGQAMEFSAKKS
TDQTGPQTAVHNAGMGVAVGNLTIFPHQWINLRTNNSATIVMPYINSVPMDNMYRHYNFTLMVIPFAKLEHSPQASTYVP
ITVTVAPMCAEYNGLRLAGHQ
;
B
3 'polypeptide(L)'
;GLPTMNTPGSTQFLTSDDFQSPSAMPQFDVTPEIQIPGQVRNLMEIAEVDSVVPVNNTEGHVNSMEAYRIPVRPQTSSGE
QVFGFQLQPGHDSVLKHTLLGEILNYYANWSGSMKLTFMYCGAAMATGKFLIAYSPPGAGVPGSRRDAMLGTHVIWDVGL
QSSCVLCVPWISQTNYRYVTSDAYTDAGYITCWYQTSIVTPPDIPTTSTILCFVSACNDFSVRLLRDTPFITQQALFQ
;
C
4 'polypeptide(L)' (MYR)GAQVSTQKTGAHETGLNASGNSIIHYTNINYYKDSASNSLNRQDFTQDPSKFTEPVKDVMIKTLPALN D
5 'polypeptide(L)'
;DIELTQSPAIMSASPGEKVTMTCSASSSLRYMHWYQQKSGTSPKRWIYDTYNLASGVPVRFSGSGSGTSYSLTISSMEAE
DAATYYCQQWSSNPPTFGAGTKLELKRADAAPTVSIFPPSSEQLTSGGASVVCFLNNFYPKDINVKWKIDGSERQNGVLN
SWTDQDSKDSTYSMSSTLTLTKDEYERHNSYTCEATHKTSTSPIVKSFNRNEC
;
L
6 'polypeptide(L)'
;QVQLQQSGSELVRPGASVKLSCRASGYTFTTYWMHWVKQRPGQGLEWIGNIYPHSGNTNYDERFKSKATLTVDTSSSTAY
MQLSSLTSEDSAVYYCTRDLRGFAYWGQGTTVTVSSPKTTPPSVYPLAPAAASTAASMVTLGCLVKGYFPEPVTVTWNSG
SLSSGVHTFPAVLQSDLYTLSSSVTVPSSTWPSETVTCNVAHPASSTKVDKKIVPR
;
H
#
loop_
_chem_comp.id
_chem_comp.type
_chem_comp.name
_chem_comp.formula
MYR non-polymer 'MYRISTIC ACID' 'C14 H28 O2'
SPH non-polymer SPHINGOSINE 'C18 H37 N O2'
#
# COMPACT_ATOMS: atom_id res chain seq x y z
N ARG A 9 29.10 17.54 -37.60
CA ARG A 9 27.90 17.91 -36.88
C ARG A 9 27.96 17.40 -35.44
N ALA A 10 27.55 18.24 -34.50
CA ALA A 10 27.58 17.89 -33.09
C ALA A 10 26.45 16.92 -32.75
N VAL A 11 26.64 16.18 -31.67
CA VAL A 11 25.61 15.27 -31.19
C VAL A 11 24.69 16.04 -30.24
N GLY A 12 23.39 15.73 -30.31
CA GLY A 12 22.39 16.48 -29.61
C GLY A 12 21.73 17.57 -30.43
N ARG A 13 22.34 17.96 -31.54
CA ARG A 13 21.81 19.02 -32.38
C ARG A 13 20.76 18.47 -33.33
N VAL A 14 19.66 19.20 -33.47
CA VAL A 14 18.52 18.74 -34.27
C VAL A 14 18.83 18.92 -35.75
N ALA A 15 18.01 18.31 -36.61
CA ALA A 15 18.31 18.25 -38.03
C ALA A 15 17.85 19.51 -38.75
N ASP A 16 18.63 19.92 -39.74
CA ASP A 16 18.29 21.04 -40.61
C ASP A 16 17.20 20.64 -41.60
N THR A 17 16.61 21.65 -42.24
CA THR A 17 15.61 21.42 -43.27
C THR A 17 16.21 21.77 -44.62
N VAL A 18 16.02 20.91 -45.59
CA VAL A 18 16.55 21.12 -46.93
C VAL A 18 15.54 21.91 -47.75
N ALA A 19 16.02 22.52 -48.83
CA ALA A 19 15.15 23.20 -49.76
C ALA A 19 14.42 22.21 -50.63
N SER A 20 13.18 22.53 -50.98
CA SER A 20 12.32 21.65 -51.75
C SER A 20 11.55 22.46 -52.77
N GLY A 21 11.15 21.79 -53.85
CA GLY A 21 10.39 22.44 -54.90
C GLY A 21 9.07 21.75 -55.14
N PRO A 22 8.43 22.04 -56.26
CA PRO A 22 7.16 21.37 -56.58
C PRO A 22 7.42 19.99 -57.16
N VAL A 23 6.55 19.05 -56.84
CA VAL A 23 6.70 17.69 -57.32
C VAL A 23 5.42 17.26 -58.05
N ASN A 24 5.59 16.29 -58.93
CA ASN A 24 4.48 15.55 -59.54
C ASN A 24 5.03 14.14 -59.76
N THR A 25 4.83 13.26 -58.78
CA THR A 25 5.47 11.96 -58.77
C THR A 25 4.48 10.90 -58.32
N GLU A 26 4.87 9.64 -58.54
CA GLU A 26 4.16 8.51 -57.97
C GLU A 26 4.58 8.21 -56.54
N GLN A 27 5.49 9.00 -55.98
CA GLN A 27 5.90 8.85 -54.59
C GLN A 27 4.84 9.41 -53.66
N ILE A 28 4.65 8.74 -52.52
CA ILE A 28 3.61 9.11 -51.57
C ILE A 28 4.16 9.12 -50.14
N PRO A 29 4.87 10.18 -49.72
CA PRO A 29 5.34 10.23 -48.33
C PRO A 29 4.22 10.46 -47.32
N ALA A 30 3.15 11.13 -47.71
CA ALA A 30 2.06 11.40 -46.78
C ALA A 30 1.22 10.16 -46.51
N LEU A 31 0.96 9.36 -47.53
CA LEU A 31 0.12 8.17 -47.37
C LEU A 31 0.94 7.06 -46.74
N THR A 32 0.49 6.59 -45.58
CA THR A 32 1.22 5.58 -44.82
C THR A 32 0.22 4.60 -44.25
N ALA A 33 0.65 3.80 -43.28
CA ALA A 33 -0.23 2.84 -42.62
C ALA A 33 0.27 2.70 -41.19
N VAL A 34 -0.48 3.25 -40.22
CA VAL A 34 -0.10 3.13 -38.82
C VAL A 34 -0.57 1.82 -38.21
N GLU A 35 -1.18 0.94 -38.99
CA GLU A 35 -1.49 -0.42 -38.55
C GLU A 35 -0.23 -1.26 -38.35
N THR A 36 0.90 -0.85 -38.90
CA THR A 36 2.15 -1.58 -38.77
C THR A 36 2.86 -1.33 -37.46
N GLY A 37 2.38 -0.40 -36.64
CA GLY A 37 3.07 -0.03 -35.42
C GLY A 37 4.23 0.91 -35.65
N HIS A 38 4.33 1.50 -36.83
CA HIS A 38 5.47 2.29 -37.27
C HIS A 38 5.04 3.75 -37.37
N THR A 39 5.79 4.63 -36.70
CA THR A 39 5.53 6.06 -36.75
C THR A 39 6.26 6.64 -37.96
N SER A 40 5.54 7.43 -38.76
CA SER A 40 6.08 7.91 -40.02
C SER A 40 7.15 8.96 -39.80
N GLN A 41 8.12 8.97 -40.72
CA GLN A 41 9.28 9.86 -40.66
C GLN A 41 9.14 11.03 -41.60
N VAL A 42 7.92 11.57 -41.73
CA VAL A 42 7.65 12.67 -42.65
C VAL A 42 8.20 13.96 -42.04
N VAL A 43 9.04 14.64 -42.80
CA VAL A 43 9.60 15.94 -42.41
C VAL A 43 8.84 16.97 -43.24
N PRO A 44 8.89 18.27 -42.95
CA PRO A 44 8.19 19.25 -43.82
C PRO A 44 8.74 19.38 -45.24
N SER A 45 9.85 18.72 -45.56
CA SER A 45 10.42 18.72 -46.90
C SER A 45 9.76 17.70 -47.81
N ASP A 46 8.59 17.19 -47.46
CA ASP A 46 7.89 16.17 -48.23
C ASP A 46 6.49 16.56 -48.64
N THR A 47 5.83 17.45 -47.90
CA THR A 47 4.45 17.81 -48.17
C THR A 47 4.27 19.27 -48.53
N MET A 48 5.33 20.06 -48.53
CA MET A 48 5.26 21.46 -48.95
C MET A 48 6.62 21.88 -49.47
N GLN A 49 6.72 23.14 -49.90
CA GLN A 49 7.97 23.72 -50.33
C GLN A 49 8.61 24.44 -49.16
N THR A 50 9.83 24.06 -48.81
CA THR A 50 10.56 24.64 -47.70
C THR A 50 11.80 25.35 -48.21
N ARG A 51 12.38 26.16 -47.33
CA ARG A 51 13.66 26.80 -47.56
C ARG A 51 14.74 26.08 -46.76
N HIS A 52 16.00 26.39 -47.07
CA HIS A 52 17.11 25.83 -46.32
C HIS A 52 17.27 26.60 -45.02
N VAL A 53 16.99 25.95 -43.90
CA VAL A 53 17.20 26.52 -42.57
C VAL A 53 18.35 25.75 -41.93
N ILE A 54 19.28 26.48 -41.33
CA ILE A 54 20.34 25.88 -40.52
C ILE A 54 19.91 25.98 -39.07
N ASN A 55 19.72 24.83 -38.44
CA ASN A 55 19.12 24.74 -37.12
C ASN A 55 20.20 24.47 -36.07
N TYR A 56 20.37 25.42 -35.16
CA TYR A 56 21.40 25.33 -34.13
C TYR A 56 20.86 24.82 -32.80
N HIS A 57 19.61 24.35 -32.77
CA HIS A 57 18.99 23.93 -31.53
C HIS A 57 19.59 22.61 -31.05
N THR A 58 19.60 22.42 -29.74
CA THR A 58 20.25 21.29 -29.11
C THR A 58 19.30 20.69 -28.08
N ARG A 59 19.37 19.37 -27.92
CA ARG A 59 18.48 18.60 -27.06
C ARG A 59 19.11 18.32 -25.70
N SER A 60 19.86 19.29 -25.16
CA SER A 60 20.60 19.08 -23.92
C SER A 60 19.68 18.96 -22.71
N GLU A 61 18.59 19.72 -22.69
CA GLU A 61 17.68 19.72 -21.56
C GLU A 61 16.85 18.45 -21.48
N SER A 62 16.72 17.71 -22.58
CA SER A 62 15.83 16.56 -22.65
C SER A 62 16.53 15.26 -22.28
N SER A 63 17.81 15.30 -21.92
CA SER A 63 18.52 14.09 -21.56
C SER A 63 18.01 13.53 -20.25
N ILE A 64 18.22 12.23 -20.05
CA ILE A 64 17.77 11.59 -18.82
C ILE A 64 18.53 12.12 -17.61
N GLU A 65 19.79 12.48 -17.79
CA GLU A 65 20.57 13.02 -16.69
C GLU A 65 20.14 14.43 -16.33
N ASN A 66 19.76 15.23 -17.33
CA ASN A 66 19.32 16.59 -17.04
C ASN A 66 17.89 16.63 -16.54
N PHE A 67 17.05 15.71 -17.00
CA PHE A 67 15.65 15.68 -16.57
C PHE A 67 15.52 15.13 -15.17
N MET A 68 16.42 14.23 -14.76
CA MET A 68 16.37 13.65 -13.43
C MET A 68 17.30 14.33 -12.43
N GLY A 69 18.29 15.08 -12.90
CA GLY A 69 19.32 15.61 -12.02
C GLY A 69 19.00 16.92 -11.33
N ARG A 70 17.83 16.99 -10.70
CA ARG A 70 17.48 18.10 -9.81
C ARG A 70 17.11 17.51 -8.46
N ALA A 71 17.48 18.20 -7.39
CA ALA A 71 17.17 17.70 -6.06
C ALA A 71 15.70 17.91 -5.74
N ALA A 72 15.05 16.86 -5.24
CA ALA A 72 13.63 16.90 -4.95
C ALA A 72 13.39 16.37 -3.55
N CYS A 73 12.41 16.95 -2.85
CA CYS A 73 12.10 16.50 -1.51
C CYS A 73 11.37 15.18 -1.56
N VAL A 74 11.80 14.23 -0.73
CA VAL A 74 11.18 12.90 -0.69
C VAL A 74 10.49 12.61 0.63
N TYR A 75 10.87 13.26 1.72
CA TYR A 75 10.26 13.00 3.02
C TYR A 75 10.48 14.21 3.92
N ILE A 76 9.55 14.40 4.85
CA ILE A 76 9.63 15.42 5.87
C ILE A 76 9.55 14.71 7.22
N ALA A 77 10.67 14.63 7.93
CA ALA A 77 10.73 13.97 9.22
C ALA A 77 10.47 14.98 10.34
N GLN A 78 10.00 14.46 11.47
CA GLN A 78 9.66 15.30 12.60
C GLN A 78 10.07 14.61 13.89
N TYR A 79 10.74 15.37 14.76
CA TYR A 79 11.19 14.87 16.06
C TYR A 79 11.43 16.07 16.95
N ALA A 80 11.29 15.85 18.26
CA ALA A 80 11.38 16.92 19.24
C ALA A 80 12.50 16.64 20.23
N THR A 81 12.77 17.63 21.07
CA THR A 81 13.73 17.46 22.15
C THR A 81 13.07 16.95 23.42
N GLU A 82 11.74 16.97 23.48
CA GLU A 82 10.98 16.41 24.59
C GLU A 82 9.75 15.73 24.02
N LYS A 83 9.49 14.51 24.47
CA LYS A 83 8.39 13.74 23.94
C LYS A 83 6.98 14.06 24.46
N VAL A 84 6.06 14.28 23.53
CA VAL A 84 4.67 14.52 23.88
C VAL A 84 3.79 13.31 23.58
N ASN A 85 3.97 12.69 22.43
CA ASN A 85 3.34 11.41 22.09
C ASN A 85 4.23 10.71 21.09
N ASP A 86 3.67 9.75 20.35
CA ASP A 86 4.42 9.13 19.26
C ASP A 86 3.51 8.94 18.05
N GLU A 87 3.61 9.79 17.02
CA GLU A 87 4.57 10.89 16.88
C GLU A 87 4.04 12.16 17.59
N LEU A 88 4.90 13.06 18.10
CA LEU A 88 6.36 13.05 17.91
C LEU A 88 7.18 12.84 19.19
N ASP A 89 8.22 12.04 19.04
CA ASP A 89 9.07 11.55 20.12
C ASP A 89 10.45 12.19 19.98
N ARG A 90 11.38 11.84 20.87
CA ARG A 90 12.76 12.31 20.82
C ARG A 90 13.54 11.75 19.62
N TYR A 91 13.01 10.77 18.91
CA TYR A 91 13.63 10.26 17.70
C TYR A 91 12.55 9.85 16.73
N THR A 92 12.93 9.66 15.46
CA THR A 92 12.00 9.23 14.44
C THR A 92 12.76 8.43 13.38
N ASN A 93 11.99 7.70 12.57
CA ASN A 93 12.55 6.81 11.56
C ASN A 93 11.82 7.01 10.25
N TRP A 94 12.39 6.45 9.19
CA TRP A 94 11.80 6.56 7.85
C TRP A 94 12.30 5.42 7.00
N GLU A 95 11.40 4.53 6.59
CA GLU A 95 11.72 3.54 5.58
C GLU A 95 11.89 4.25 4.24
N ILE A 96 13.06 4.07 3.62
CA ILE A 96 13.43 4.83 2.43
C ILE A 96 12.57 4.39 1.25
N THR A 97 11.81 5.33 0.70
CA THR A 97 11.02 5.10 -0.50
C THR A 97 10.88 6.43 -1.23
N THR A 98 10.75 6.37 -2.55
CA THR A 98 10.57 7.55 -3.37
C THR A 98 9.13 7.73 -3.81
N ARG A 99 8.17 7.33 -2.97
CA ARG A 99 6.77 7.23 -3.38
C ARG A 99 5.83 7.87 -2.39
N GLN A 100 6.32 8.77 -1.55
CA GLN A 100 5.45 9.53 -0.67
C GLN A 100 5.20 10.95 -1.16
N VAL A 101 6.01 11.42 -2.10
CA VAL A 101 5.82 12.71 -2.75
C VAL A 101 5.34 12.45 -4.17
N ALA A 102 4.51 13.36 -4.67
CA ALA A 102 3.93 13.17 -6.00
C ALA A 102 4.84 13.61 -7.12
N GLN A 103 5.76 14.54 -6.86
CA GLN A 103 6.51 15.17 -7.95
C GLN A 103 7.65 14.28 -8.43
N LEU A 104 8.42 13.69 -7.52
CA LEU A 104 9.52 12.83 -7.94
C LEU A 104 9.04 11.43 -8.32
N ARG A 105 7.92 10.99 -7.74
CA ARG A 105 7.39 9.66 -8.06
C ARG A 105 6.90 9.61 -9.50
N ARG A 106 6.26 10.69 -9.97
CA ARG A 106 5.80 10.71 -11.35
C ARG A 106 6.96 10.87 -12.32
N LYS A 107 8.03 11.55 -11.92
CA LYS A 107 9.22 11.66 -12.76
C LYS A 107 9.95 10.33 -12.86
N LEU A 108 9.91 9.52 -11.80
CA LEU A 108 10.59 8.23 -11.81
C LEU A 108 9.77 7.16 -12.50
N GLU A 109 8.44 7.30 -12.51
CA GLU A 109 7.55 6.30 -13.07
C GLU A 109 7.26 6.54 -14.54
N MET A 110 8.12 7.26 -15.24
CA MET A 110 8.10 7.29 -16.69
C MET A 110 8.98 6.23 -17.29
N PHE A 111 9.66 5.44 -16.46
CA PHE A 111 10.55 4.38 -16.90
C PHE A 111 10.27 3.14 -16.06
N THR A 112 10.38 1.97 -16.67
CA THR A 112 10.11 0.73 -15.95
C THR A 112 11.27 0.35 -15.05
N TYR A 113 12.49 0.39 -15.58
CA TYR A 113 13.69 0.04 -14.85
C TYR A 113 14.66 1.21 -14.89
N MET A 114 15.42 1.39 -13.82
CA MET A 114 16.36 2.49 -13.72
C MET A 114 17.61 2.03 -13.00
N ARG A 115 18.63 2.88 -13.05
CA ARG A 115 19.94 2.54 -12.45
C ARG A 115 20.67 3.86 -12.24
N PHE A 116 20.87 4.26 -10.98
CA PHE A 116 21.47 5.56 -10.71
C PHE A 116 22.15 5.56 -9.36
N ASP A 117 23.11 6.46 -9.21
CA ASP A 117 23.66 6.81 -7.91
C ASP A 117 22.77 7.87 -7.26
N LEU A 118 23.00 8.11 -5.98
CA LEU A 118 22.09 8.97 -5.22
C LEU A 118 22.89 9.94 -4.37
N GLU A 119 22.51 11.20 -4.44
CA GLU A 119 23.09 12.26 -3.61
C GLU A 119 21.98 12.75 -2.67
N ILE A 120 22.24 12.69 -1.37
CA ILE A 120 21.22 12.93 -0.35
C ILE A 120 21.61 14.17 0.45
N THR A 121 20.70 15.13 0.52
CA THR A 121 20.90 16.35 1.28
C THR A 121 19.77 16.50 2.29
N PHE A 122 20.11 16.91 3.51
CA PHE A 122 19.13 17.15 4.56
C PHE A 122 19.07 18.65 4.87
N VAL A 123 17.87 19.20 4.91
CA VAL A 123 17.65 20.58 5.35
C VAL A 123 16.93 20.50 6.68
N ILE A 124 17.66 20.68 7.77
CA ILE A 124 17.16 20.46 9.12
C ILE A 124 16.96 21.82 9.77
N THR A 125 15.71 22.26 9.84
CA THR A 125 15.36 23.46 10.57
C THR A 125 14.87 23.09 11.96
N SER A 126 14.57 24.11 12.76
CA SER A 126 14.19 23.92 14.14
C SER A 126 13.39 25.13 14.60
N SER A 127 12.44 24.87 15.50
CA SER A 127 11.59 25.94 16.01
C SER A 127 11.20 25.62 17.44
N GLN A 128 10.92 26.67 18.20
CA GLN A 128 10.62 26.53 19.62
C GLN A 128 9.15 26.15 19.78
N ARG A 129 8.88 25.17 20.62
CA ARG A 129 7.52 24.72 20.85
C ARG A 129 6.75 25.74 21.66
N THR A 130 5.42 25.72 21.51
CA THR A 130 4.54 26.69 22.15
C THR A 130 4.52 26.49 23.66
N SER A 131 4.83 27.56 24.40
CA SER A 131 4.93 27.50 25.85
C SER A 131 4.46 28.83 26.42
N THR A 132 4.48 28.94 27.75
CA THR A 132 4.13 30.19 28.40
C THR A 132 5.32 31.12 28.53
N THR A 133 6.53 30.59 28.44
CA THR A 133 7.74 31.39 28.44
C THR A 133 8.75 30.77 27.50
N TYR A 134 9.60 31.62 26.91
CA TYR A 134 10.61 31.18 25.97
C TYR A 134 12.01 31.65 26.31
N ALA A 135 12.19 32.50 27.32
CA ALA A 135 13.47 33.11 27.63
C ALA A 135 14.41 32.07 28.21
N SER A 136 15.30 31.54 27.38
CA SER A 136 16.26 30.53 27.81
C SER A 136 17.43 30.52 26.84
N ASP A 137 18.64 30.64 27.36
CA ASP A 137 19.83 30.53 26.54
C ASP A 137 20.10 29.07 26.22
N SER A 138 20.25 28.75 24.94
CA SER A 138 20.47 27.40 24.51
C SER A 138 21.76 27.28 23.70
N PRO A 139 22.56 26.24 23.95
CA PRO A 139 23.71 25.95 23.09
C PRO A 139 23.28 25.51 21.71
N PRO A 140 24.20 25.48 20.73
CA PRO A 140 23.81 25.04 19.37
C PRO A 140 23.42 23.57 19.33
N LEU A 141 22.38 23.29 18.56
CA LEU A 141 21.80 21.95 18.49
C LEU A 141 22.55 21.09 17.49
N THR A 142 22.80 19.84 17.87
CA THR A 142 23.49 18.87 17.03
C THR A 142 22.53 17.73 16.72
N HIS A 143 22.52 17.30 15.46
CA HIS A 143 21.63 16.26 14.99
C HIS A 143 22.44 15.06 14.50
N GLN A 144 21.82 13.90 14.53
CA GLN A 144 22.39 12.68 14.00
C GLN A 144 21.39 12.02 13.05
N VAL A 145 21.85 11.65 11.87
CA VAL A 145 21.03 10.95 10.90
C VAL A 145 21.74 9.63 10.58
N MET A 146 21.41 8.60 11.36
CA MET A 146 21.99 7.27 11.18
C MET A 146 21.24 6.50 10.10
N TYR A 147 21.99 5.79 9.26
CA TYR A 147 21.42 4.92 8.25
C TYR A 147 21.57 3.47 8.71
N VAL A 148 20.44 2.78 8.85
CA VAL A 148 20.41 1.37 9.25
C VAL A 148 20.23 0.53 7.99
N PRO A 149 21.19 -0.31 7.62
CA PRO A 149 21.01 -1.22 6.49
C PRO A 149 19.92 -2.25 6.75
N PRO A 150 19.39 -2.91 5.72
CA PRO A 150 18.31 -3.90 5.92
C PRO A 150 18.74 -5.10 6.76
N GLY A 151 18.09 -5.26 7.91
CA GLY A 151 18.35 -6.36 8.79
C GLY A 151 19.09 -5.99 10.06
N GLY A 152 19.65 -4.79 10.13
CA GLY A 152 20.45 -4.39 11.26
C GLY A 152 19.63 -4.09 12.49
N PRO A 153 20.30 -3.86 13.62
CA PRO A 153 19.57 -3.54 14.87
C PRO A 153 19.11 -2.10 14.87
N ILE A 154 17.82 -1.90 15.10
CA ILE A 154 17.22 -0.56 15.11
C ILE A 154 17.30 0.00 16.52
N PRO A 155 17.39 1.32 16.70
CA PRO A 155 17.34 1.91 18.05
C PRO A 155 15.98 1.68 18.69
N LYS A 156 15.99 1.08 19.88
CA LYS A 156 14.75 0.80 20.59
C LYS A 156 14.16 2.02 21.29
N SER A 157 15.00 2.99 21.59
CA SER A 157 14.56 4.20 22.26
C SER A 157 15.63 5.28 22.08
N TYR A 158 15.48 6.38 22.80
CA TYR A 158 16.58 7.31 22.99
C TYR A 158 17.61 6.68 23.92
N GLU A 159 18.83 7.22 23.89
CA GLU A 159 20.00 6.80 24.68
C GLU A 159 20.37 5.31 24.50
N ASP A 160 19.86 4.69 23.44
CA ASP A 160 20.11 3.31 23.09
C ASP A 160 21.57 3.13 22.64
N PHE A 161 22.05 1.89 22.75
CA PHE A 161 23.41 1.60 22.34
C PHE A 161 23.57 1.60 20.83
N ALA A 162 22.48 1.45 20.08
CA ALA A 162 22.57 1.32 18.62
C ALA A 162 22.98 2.62 17.94
N TRP A 163 22.92 3.75 18.64
CA TRP A 163 23.43 5.02 18.12
C TRP A 163 24.95 5.13 18.18
N GLN A 164 25.65 4.09 18.65
CA GLN A 164 27.11 4.10 18.67
C GLN A 164 27.72 3.85 17.30
N THR A 165 26.93 3.34 16.35
CA THR A 165 27.17 3.31 14.88
C THR A 165 28.57 2.83 14.49
N SER A 166 28.94 1.66 15.03
CA SER A 166 30.28 1.14 14.77
C SER A 166 30.45 0.64 13.34
N THR A 167 29.37 0.25 12.67
CA THR A 167 29.48 -0.18 11.29
C THR A 167 28.44 0.51 10.41
N ASN A 168 27.33 0.92 10.99
CA ASN A 168 26.33 1.68 10.24
C ASN A 168 26.85 3.08 9.94
N PRO A 169 26.64 3.59 8.73
CA PRO A 169 27.04 4.98 8.44
C PRO A 169 26.13 5.97 9.13
N SER A 170 26.71 7.11 9.51
CA SER A 170 26.01 8.10 10.32
C SER A 170 26.66 9.45 10.11
N VAL A 171 25.85 10.50 10.13
CA VAL A 171 26.32 11.86 9.97
C VAL A 171 25.93 12.67 11.20
N PHE A 172 26.82 13.57 11.61
CA PHE A 172 26.56 14.55 12.66
C PHE A 172 26.57 15.94 12.04
N TRP A 173 25.70 16.81 12.52
CA TRP A 173 25.61 18.14 11.94
C TRP A 173 25.12 19.13 12.99
N THR A 174 25.86 20.23 13.15
CA THR A 174 25.47 21.30 14.06
C THR A 174 24.72 22.38 13.29
N GLU A 175 23.74 23.00 13.95
CA GLU A 175 22.86 23.95 13.30
C GLU A 175 23.59 25.26 12.96
N GLY A 176 23.17 25.87 11.86
CA GLY A 176 23.73 27.12 11.40
C GLY A 176 24.64 26.98 10.20
N ASN A 177 25.20 25.80 9.96
CA ASN A 177 26.21 25.63 8.93
C ASN A 177 25.54 25.23 7.62
N ALA A 178 26.36 24.78 6.67
CA ALA A 178 25.86 24.23 5.42
C ALA A 178 25.09 22.94 5.67
N PRO A 179 24.14 22.59 4.80
CA PRO A 179 23.44 21.33 4.95
C PRO A 179 24.36 20.15 4.68
N PRO A 180 24.13 19.01 5.33
CA PRO A 180 24.99 17.84 5.11
C PRO A 180 24.64 17.13 3.82
N ARG A 181 25.58 16.29 3.37
CA ARG A 181 25.46 15.65 2.07
C ARG A 181 26.37 14.43 2.01
N MET A 182 25.86 13.34 1.44
CA MET A 182 26.66 12.16 1.16
C MET A 182 26.11 11.46 -0.07
N SER A 183 27.00 10.77 -0.78
CA SER A 183 26.63 10.04 -1.99
C SER A 183 26.40 8.56 -1.68
N ILE A 184 25.48 7.97 -2.43
CA ILE A 184 25.09 6.57 -2.27
C ILE A 184 25.32 5.85 -3.59
N PRO A 185 25.90 4.65 -3.60
CA PRO A 185 26.01 3.91 -4.86
C PRO A 185 24.72 3.18 -5.24
N PHE A 186 24.77 2.39 -6.30
CA PHE A 186 23.60 1.66 -6.76
C PHE A 186 23.40 0.42 -5.91
N MET A 187 22.32 0.38 -5.14
CA MET A 187 22.20 -0.51 -4.00
C MET A 187 21.33 -1.74 -4.24
N SER A 188 20.86 -1.96 -5.46
CA SER A 188 19.94 -3.06 -5.70
C SER A 188 20.68 -4.39 -5.77
N VAL A 189 19.95 -5.46 -5.47
CA VAL A 189 20.49 -6.80 -5.62
C VAL A 189 20.29 -7.35 -7.03
N GLY A 190 19.32 -6.83 -7.78
CA GLY A 190 19.19 -7.11 -9.19
C GLY A 190 19.90 -6.06 -10.00
N ASN A 191 19.84 -6.22 -11.32
CA ASN A 191 20.63 -5.36 -12.20
C ASN A 191 20.01 -4.00 -12.45
N ALA A 192 18.81 -3.74 -11.94
CA ALA A 192 18.16 -2.45 -12.11
C ALA A 192 17.11 -2.26 -11.02
N TYR A 193 16.88 -1.00 -10.65
CA TYR A 193 15.76 -0.69 -9.77
C TYR A 193 14.45 -0.90 -10.51
N CYS A 194 13.55 -1.67 -9.92
CA CYS A 194 12.25 -1.92 -10.51
C CYS A 194 11.27 -0.86 -10.02
N ASN A 195 10.79 -0.02 -10.94
CA ASN A 195 9.75 0.93 -10.58
C ASN A 195 8.40 0.24 -10.48
N PHE A 196 8.19 -0.81 -11.25
CA PHE A 196 6.95 -1.58 -11.23
C PHE A 196 7.30 -3.05 -11.09
N TYR A 197 6.36 -3.80 -10.51
CA TYR A 197 6.54 -5.23 -10.35
C TYR A 197 5.16 -5.88 -10.41
N ASP A 198 4.83 -6.45 -11.56
CA ASP A 198 3.59 -7.18 -11.74
C ASP A 198 3.77 -8.59 -11.16
N GLY A 199 3.61 -8.69 -9.84
CA GLY A 199 3.82 -9.97 -9.23
C GLY A 199 3.61 -9.93 -7.73
N TRP A 200 3.92 -11.06 -7.10
CA TRP A 200 3.65 -11.31 -5.70
C TRP A 200 4.95 -11.60 -4.97
N SER A 201 4.86 -11.63 -3.64
CA SER A 201 6.00 -11.97 -2.81
C SER A 201 6.13 -13.47 -2.60
N HIS A 202 5.01 -14.19 -2.55
CA HIS A 202 5.01 -15.63 -2.36
C HIS A 202 4.81 -16.34 -3.68
N PHE A 203 5.31 -17.58 -3.75
CA PHE A 203 5.19 -18.37 -4.97
C PHE A 203 3.78 -18.88 -5.19
N SER A 204 2.92 -18.83 -4.18
CA SER A 204 1.54 -19.25 -4.29
C SER A 204 0.61 -18.13 -4.76
N GLN A 205 1.19 -16.99 -5.20
CA GLN A 205 0.49 -15.79 -5.66
C GLN A 205 -0.44 -15.26 -4.57
N SER A 206 0.11 -15.12 -3.37
CA SER A 206 -0.56 -14.46 -2.25
C SER A 206 0.42 -13.50 -1.61
N GLY A 207 0.00 -12.90 -0.51
CA GLY A 207 0.86 -11.97 0.21
C GLY A 207 0.73 -10.58 -0.34
N VAL A 208 1.87 -9.94 -0.62
CA VAL A 208 1.91 -8.56 -1.07
C VAL A 208 2.04 -8.53 -2.59
N TYR A 209 1.17 -7.76 -3.24
CA TYR A 209 1.20 -7.56 -4.67
C TYR A 209 1.80 -6.19 -4.97
N GLY A 210 2.72 -6.13 -5.94
CA GLY A 210 3.21 -4.86 -6.41
C GLY A 210 4.68 -4.61 -6.14
N TYR A 211 5.10 -3.34 -6.23
CA TYR A 211 6.50 -2.99 -6.12
C TYR A 211 7.02 -2.97 -4.69
N THR A 212 6.14 -3.18 -3.70
CA THR A 212 6.55 -3.10 -2.30
C THR A 212 7.50 -4.24 -1.93
N THR A 213 7.29 -5.43 -2.48
CA THR A 213 8.12 -6.58 -2.16
C THR A 213 9.54 -6.47 -2.69
N LEU A 214 9.80 -5.59 -3.64
CA LEU A 214 11.12 -5.47 -4.23
C LEU A 214 11.97 -4.36 -3.61
N ASN A 215 11.36 -3.31 -3.10
CA ASN A 215 12.09 -2.19 -2.53
C ASN A 215 12.43 -2.51 -1.08
N ASN A 216 13.71 -2.80 -0.83
CA ASN A 216 14.22 -3.09 0.52
C ASN A 216 15.52 -2.32 0.69
N MET A 217 15.43 -1.08 1.16
CA MET A 217 16.56 -0.18 1.20
C MET A 217 16.96 0.26 2.60
N GLY A 218 16.31 -0.25 3.63
CA GLY A 218 16.66 0.10 4.99
C GLY A 218 15.96 1.35 5.47
N HIS A 219 16.29 1.71 6.71
CA HIS A 219 15.66 2.83 7.41
C HIS A 219 16.65 3.96 7.63
N LEU A 220 16.12 5.10 8.05
CA LEU A 220 16.89 6.31 8.26
C LEU A 220 16.42 6.92 9.57
N TYR A 221 17.28 6.97 10.58
CA TYR A 221 16.90 7.36 11.93
C TYR A 221 17.44 8.74 12.28
N PHE A 222 16.59 9.56 12.89
CA PHE A 222 16.89 10.95 13.21
C PHE A 222 16.73 11.18 14.70
N ARG A 223 17.57 12.04 15.28
CA ARG A 223 17.45 12.43 16.69
C ARG A 223 18.27 13.68 16.96
N HIS A 224 18.08 14.23 18.15
CA HIS A 224 18.96 15.26 18.71
C HIS A 224 20.03 14.60 19.56
N VAL A 225 21.28 15.01 19.35
CA VAL A 225 22.38 14.47 20.16
C VAL A 225 22.50 15.22 21.49
N ASN A 226 21.99 16.45 21.57
CA ASN A 226 21.91 17.16 22.83
C ASN A 226 20.94 16.46 23.77
N LYS A 227 21.30 16.43 25.05
CA LYS A 227 20.54 15.64 26.01
C LYS A 227 19.19 16.27 26.33
N SER A 228 19.14 17.60 26.40
CA SER A 228 17.90 18.29 26.71
C SER A 228 18.01 19.74 26.24
N THR A 229 16.91 20.46 26.40
CA THR A 229 16.86 21.91 26.34
C THR A 229 16.15 22.40 27.61
N ALA A 230 16.11 23.71 27.79
CA ALA A 230 15.39 24.25 28.95
C ALA A 230 13.88 24.17 28.73
N TYR A 231 13.42 24.63 27.57
CA TYR A 231 12.06 24.53 27.10
C TYR A 231 12.05 23.69 25.81
N PRO A 232 10.99 22.92 25.56
CA PRO A 232 11.06 21.93 24.47
C PRO A 232 11.02 22.57 23.09
N VAL A 233 11.57 21.84 22.12
CA VAL A 233 11.84 22.35 20.78
C VAL A 233 11.50 21.26 19.77
N ASN A 234 10.66 21.59 18.80
CA ASN A 234 10.35 20.70 17.69
C ASN A 234 11.32 20.92 16.55
N SER A 235 11.55 19.86 15.77
CA SER A 235 12.54 19.91 14.70
C SER A 235 12.03 19.15 13.49
N VAL A 236 12.39 19.65 12.30
CA VAL A 236 11.92 19.12 11.03
C VAL A 236 13.14 18.88 10.14
N ALA A 237 13.26 17.66 9.62
CA ALA A 237 14.33 17.28 8.71
C ALA A 237 13.74 16.91 7.36
N ARG A 238 14.10 17.65 6.31
CA ARG A 238 13.62 17.40 4.97
C ARG A 238 14.68 16.65 4.19
N VAL A 239 14.32 15.52 3.61
CA VAL A 239 15.24 14.69 2.84
C VAL A 239 15.13 15.07 1.37
N TYR A 240 16.28 15.33 0.74
CA TYR A 240 16.34 15.69 -0.67
C TYR A 240 17.15 14.65 -1.42
N PHE A 241 16.58 14.10 -2.48
CA PHE A 241 17.24 13.11 -3.33
C PHE A 241 17.57 13.75 -4.67
N LYS A 242 18.78 13.49 -5.16
CA LYS A 242 19.14 13.81 -6.54
C LYS A 242 19.77 12.59 -7.19
N PRO A 243 19.14 11.99 -8.20
CA PRO A 243 19.78 10.88 -8.90
C PRO A 243 20.90 11.38 -9.80
N LYS A 244 21.93 10.56 -9.95
CA LYS A 244 23.02 10.89 -10.86
C LYS A 244 23.58 9.60 -11.43
N HIS A 245 24.24 9.74 -12.58
CA HIS A 245 24.70 8.63 -13.44
C HIS A 245 23.53 7.70 -13.77
N VAL A 246 22.53 8.27 -14.44
CA VAL A 246 21.23 7.65 -14.59
C VAL A 246 21.17 6.85 -15.88
N LYS A 247 20.67 5.63 -15.79
CA LYS A 247 20.27 4.82 -16.93
C LYS A 247 18.79 4.50 -16.77
N ALA A 248 18.08 4.37 -17.89
CA ALA A 248 16.63 4.17 -17.85
C ALA A 248 16.21 3.32 -19.04
N TRP A 249 15.28 2.40 -18.78
CA TRP A 249 14.82 1.44 -19.78
C TRP A 249 13.30 1.41 -19.79
N VAL A 250 12.74 1.04 -20.94
CA VAL A 250 11.33 0.72 -21.18
C VAL A 250 10.38 1.83 -20.71
N PRO A 251 10.21 2.88 -21.50
CA PRO A 251 9.41 4.02 -21.03
C PRO A 251 7.92 3.69 -20.93
N ARG A 252 7.32 4.12 -19.83
CA ARG A 252 5.90 3.92 -19.55
C ARG A 252 5.09 5.12 -19.98
N ALA A 253 3.79 4.90 -20.12
CA ALA A 253 2.86 6.01 -20.31
C ALA A 253 2.78 6.82 -19.03
N PRO A 254 2.62 8.15 -19.12
CA PRO A 254 2.63 8.97 -17.90
C PRO A 254 1.38 8.76 -17.06
N ARG A 255 1.58 8.84 -15.75
CA ARG A 255 0.49 8.65 -14.80
C ARG A 255 -0.50 9.80 -14.91
N LEU A 256 -1.77 9.46 -15.13
CA LEU A 256 -2.83 10.45 -15.28
C LEU A 256 -3.55 10.74 -13.98
N CYS A 257 -3.92 9.70 -13.25
CA CYS A 257 -4.73 9.82 -12.04
C CYS A 257 -3.84 10.14 -10.84
N PRO A 258 -4.36 10.90 -9.87
CA PRO A 258 -3.56 11.19 -8.67
C PRO A 258 -3.43 9.98 -7.78
N TYR A 259 -2.29 9.89 -7.10
CA TYR A 259 -2.00 8.76 -6.25
C TYR A 259 -2.84 8.81 -4.96
N LEU A 260 -2.92 7.67 -4.30
CA LEU A 260 -3.67 7.59 -3.05
C LEU A 260 -2.81 6.99 -1.94
N LYS A 261 -1.94 6.05 -2.29
CA LYS A 261 -1.15 5.33 -1.31
C LYS A 261 0.30 5.28 -1.76
N ALA A 262 1.18 5.08 -0.78
CA ALA A 262 2.62 5.05 -1.03
C ALA A 262 3.14 3.65 -1.32
N ARG A 263 2.27 2.65 -1.32
CA ARG A 263 2.66 1.28 -1.58
C ARG A 263 1.87 0.62 -2.69
N ASN A 264 1.05 1.37 -3.41
CA ASN A 264 0.10 0.83 -4.36
C ASN A 264 0.08 1.72 -5.60
N VAL A 265 -0.36 1.13 -6.71
CA VAL A 265 -0.64 1.87 -7.92
C VAL A 265 -2.12 2.26 -8.00
N ASN A 266 -2.81 2.24 -6.87
CA ASN A 266 -4.26 2.39 -6.84
C ASN A 266 -4.68 3.80 -7.23
N PHE A 267 -5.89 3.92 -7.76
CA PHE A 267 -6.36 5.17 -8.33
C PHE A 267 -7.88 5.19 -8.35
N ASN A 268 -8.43 6.39 -8.43
CA ASN A 268 -9.82 6.60 -8.76
C ASN A 268 -9.94 6.90 -10.26
N VAL A 269 -11.09 6.56 -10.83
CA VAL A 269 -11.28 6.64 -12.27
C VAL A 269 -11.46 8.10 -12.67
N GLN A 270 -10.67 8.56 -13.63
CA GLN A 270 -10.67 9.94 -14.09
C GLN A 270 -10.86 9.95 -15.61
N GLY A 271 -11.37 11.06 -16.13
CA GLY A 271 -11.46 11.23 -17.56
C GLY A 271 -10.11 11.40 -18.20
N VAL A 272 -10.06 11.14 -19.51
CA VAL A 272 -8.77 11.10 -20.21
C VAL A 272 -8.20 12.50 -20.40
N THR A 273 -9.06 13.51 -20.48
CA THR A 273 -8.63 14.90 -20.64
C THR A 273 -9.75 15.79 -20.09
N GLU A 274 -9.64 17.09 -20.34
CA GLU A 274 -10.69 18.03 -19.97
C GLU A 274 -11.68 18.19 -21.11
N SER A 275 -12.88 18.65 -20.77
CA SER A 275 -13.96 18.70 -21.73
C SER A 275 -14.09 20.10 -22.36
N ARG A 276 -14.69 20.13 -23.54
CA ARG A 276 -15.00 21.38 -24.23
C ARG A 276 -16.42 21.30 -24.77
N ASN A 277 -16.87 22.37 -25.41
CA ASN A 277 -18.29 22.52 -25.70
C ASN A 277 -18.69 21.83 -27.00
N LYS A 278 -17.86 21.93 -28.03
CA LYS A 278 -18.15 21.27 -29.29
C LYS A 278 -16.86 20.91 -29.99
N ILE A 279 -16.96 20.02 -30.98
CA ILE A 279 -15.79 19.45 -31.64
C ILE A 279 -15.21 20.35 -32.71
N THR A 280 -15.92 21.39 -33.13
CA THR A 280 -15.46 22.27 -34.20
C THR A 280 -15.10 23.64 -33.65
N LEU A 281 -14.16 24.30 -34.33
CA LEU A 281 -13.86 25.71 -34.08
C LEU A 281 -14.76 26.55 -34.97
N ASP A 282 -15.32 27.63 -34.41
CA ASP A 282 -16.37 28.40 -35.09
C ASP A 282 -16.20 29.90 -34.88
N ARG A 283 -15.59 30.56 -35.86
CA ARG A 283 -15.48 32.01 -36.03
C ARG A 283 -14.81 32.25 -37.38
N SER A 284 -14.76 33.51 -37.79
CA SER A 284 -14.13 33.85 -39.07
C SER A 284 -13.12 34.99 -38.92
N ASP B 11 5.38 -7.08 -48.35
CA ASP B 11 4.21 -7.63 -49.01
C ASP B 11 3.22 -7.99 -47.90
N ARG B 12 2.07 -8.56 -48.27
CA ARG B 12 1.00 -8.80 -47.31
C ARG B 12 0.88 -10.27 -46.91
N VAL B 13 1.65 -11.16 -47.51
CA VAL B 13 1.70 -12.55 -47.11
C VAL B 13 2.82 -12.73 -46.10
N ARG B 14 2.70 -13.77 -45.26
CA ARG B 14 3.71 -14.10 -44.28
C ARG B 14 3.50 -15.52 -43.79
N SER B 15 4.60 -16.26 -43.66
CA SER B 15 4.61 -17.59 -43.05
C SER B 15 5.55 -17.59 -41.87
N ILE B 16 5.10 -18.10 -40.73
CA ILE B 16 5.91 -18.26 -39.53
C ILE B 16 5.91 -19.73 -39.15
N THR B 17 7.09 -20.31 -39.00
CA THR B 17 7.25 -21.72 -38.65
C THR B 17 8.04 -21.83 -37.36
N LEU B 18 7.45 -22.45 -36.34
CA LEU B 18 8.10 -22.65 -35.06
C LEU B 18 7.76 -24.05 -34.57
N GLY B 19 8.72 -24.96 -34.63
CA GLY B 19 8.47 -26.33 -34.20
C GLY B 19 7.67 -27.07 -35.23
N ASN B 20 6.64 -27.79 -34.78
CA ASN B 20 5.76 -28.54 -35.67
C ASN B 20 4.48 -27.78 -35.99
N SER B 21 4.53 -26.45 -35.97
CA SER B 21 3.36 -25.62 -36.18
C SER B 21 3.72 -24.48 -37.13
N THR B 22 2.75 -24.07 -37.94
CA THR B 22 2.95 -23.05 -38.95
C THR B 22 1.71 -22.15 -39.01
N ILE B 23 1.95 -20.84 -39.06
CA ILE B 23 0.88 -19.84 -39.21
C ILE B 23 1.02 -19.21 -40.58
N THR B 24 -0.07 -19.19 -41.34
CA THR B 24 -0.12 -18.51 -42.62
C THR B 24 -1.03 -17.30 -42.54
N THR B 25 -0.69 -16.27 -43.31
CA THR B 25 -1.37 -14.99 -43.27
C THR B 25 -1.36 -14.40 -44.66
N GLN B 26 -2.49 -13.83 -45.08
CA GLN B 26 -2.56 -13.22 -46.41
C GLN B 26 -2.82 -11.72 -46.38
N GLU B 27 -3.25 -11.17 -45.25
CA GLU B 27 -3.23 -9.73 -45.03
C GLU B 27 -2.45 -9.47 -43.74
N CYS B 28 -1.14 -9.39 -43.86
CA CYS B 28 -0.27 -9.07 -42.75
C CYS B 28 0.18 -7.62 -42.89
N ALA B 29 0.23 -6.90 -41.77
CA ALA B 29 0.73 -5.53 -41.83
C ALA B 29 2.25 -5.53 -41.92
N ASN B 30 2.90 -5.99 -40.88
CA ASN B 30 4.35 -6.20 -40.77
C ASN B 30 4.54 -7.02 -39.50
N VAL B 31 5.79 -7.14 -39.06
CA VAL B 31 6.09 -7.73 -37.77
C VAL B 31 6.76 -6.68 -36.92
N VAL B 32 6.23 -6.46 -35.72
CA VAL B 32 6.89 -5.62 -34.73
C VAL B 32 7.83 -6.49 -33.92
N VAL B 33 9.10 -6.13 -33.92
CA VAL B 33 10.12 -6.86 -33.18
C VAL B 33 10.48 -5.98 -31.99
N GLY B 34 9.81 -6.24 -30.86
CA GLY B 34 10.12 -5.77 -29.52
C GLY B 34 10.52 -4.32 -29.36
N TYR B 35 11.76 -4.12 -28.94
CA TYR B 35 12.44 -2.83 -28.97
C TYR B 35 13.59 -2.88 -29.96
N GLY B 36 13.35 -3.50 -31.11
CA GLY B 36 14.40 -3.76 -32.07
C GLY B 36 15.23 -4.98 -31.77
N VAL B 37 14.90 -5.74 -30.74
CA VAL B 37 15.72 -6.84 -30.26
C VAL B 37 15.03 -8.15 -30.57
N TRP B 38 15.76 -9.08 -31.16
CA TRP B 38 15.28 -10.43 -31.36
C TRP B 38 15.53 -11.26 -30.10
N PRO B 39 14.66 -12.23 -29.81
CA PRO B 39 14.92 -13.15 -28.70
C PRO B 39 16.17 -13.98 -28.94
N THR B 40 16.89 -14.24 -27.84
CA THR B 40 18.13 -14.98 -27.89
C THR B 40 18.35 -15.63 -26.54
N TYR B 41 19.33 -16.53 -26.47
CA TYR B 41 19.64 -17.22 -25.23
C TYR B 41 20.53 -16.34 -24.35
N LEU B 42 20.64 -16.73 -23.09
CA LEU B 42 21.48 -16.02 -22.15
C LEU B 42 22.96 -16.34 -22.40
N SER B 43 23.80 -15.35 -22.15
CA SER B 43 25.24 -15.47 -22.35
C SER B 43 25.94 -15.71 -21.02
N ASP B 44 27.22 -16.06 -21.10
CA ASP B 44 27.98 -16.41 -19.91
C ASP B 44 28.31 -15.20 -19.06
N HIS B 45 28.38 -14.02 -19.66
CA HIS B 45 28.71 -12.81 -18.92
C HIS B 45 27.47 -12.09 -18.39
N GLU B 46 26.30 -12.74 -18.43
CA GLU B 46 25.09 -12.21 -17.81
C GLU B 46 24.39 -13.23 -16.92
N ALA B 47 24.92 -14.43 -16.79
CA ALA B 47 24.29 -15.46 -15.99
C ALA B 47 24.58 -15.27 -14.51
N THR B 48 23.68 -15.81 -13.68
CA THR B 48 23.83 -15.80 -12.23
C THR B 48 23.85 -17.21 -11.65
N ALA B 49 22.92 -18.07 -12.07
CA ALA B 49 22.90 -19.44 -11.59
C ALA B 49 24.00 -20.26 -12.24
N VAL B 50 24.60 -21.16 -11.46
CA VAL B 50 25.79 -21.85 -11.92
C VAL B 50 25.49 -23.16 -12.65
N ASP B 51 24.37 -23.81 -12.37
CA ASP B 51 24.13 -25.12 -12.96
C ASP B 51 23.70 -24.99 -14.41
N GLN B 52 23.77 -26.11 -15.11
CA GLN B 52 23.46 -26.14 -16.54
C GLN B 52 21.96 -26.03 -16.76
N PRO B 53 21.50 -25.18 -17.67
CA PRO B 53 20.06 -25.09 -17.95
C PRO B 53 19.62 -26.10 -18.99
N THR B 54 18.32 -26.38 -18.97
CA THR B 54 17.72 -27.22 -20.00
C THR B 54 17.16 -26.31 -21.09
N GLN B 55 17.14 -26.83 -22.32
CA GLN B 55 16.76 -26.04 -23.50
C GLN B 55 15.99 -26.92 -24.46
N PRO B 56 14.71 -27.18 -24.17
CA PRO B 56 13.90 -27.95 -25.12
C PRO B 56 13.43 -27.09 -26.27
N ASP B 57 14.03 -27.23 -27.45
CA ASP B 57 13.87 -26.21 -28.47
C ASP B 57 12.62 -26.40 -29.32
N VAL B 58 12.08 -27.60 -29.41
CA VAL B 58 10.91 -27.84 -30.26
C VAL B 58 9.72 -28.36 -29.48
N ALA B 59 9.90 -28.89 -28.29
CA ALA B 59 8.79 -29.34 -27.46
C ALA B 59 8.16 -28.20 -26.68
N THR B 60 8.82 -27.05 -26.62
CA THR B 60 8.43 -25.91 -25.80
C THR B 60 8.28 -24.65 -26.61
N CYS B 61 9.06 -24.48 -27.67
CA CYS B 61 9.00 -23.29 -28.53
C CYS B 61 8.16 -23.61 -29.76
N ARG B 62 6.85 -23.59 -29.56
CA ARG B 62 5.89 -23.88 -30.62
C ARG B 62 4.63 -23.08 -30.36
N PHE B 63 3.76 -23.02 -31.37
CA PHE B 63 2.57 -22.17 -31.30
C PHE B 63 1.50 -22.83 -30.44
N TYR B 64 1.09 -22.13 -29.38
CA TYR B 64 0.04 -22.57 -28.47
C TYR B 64 -1.14 -21.61 -28.61
N THR B 65 -2.29 -22.12 -29.01
CA THR B 65 -3.48 -21.32 -29.22
C THR B 65 -4.34 -21.33 -27.98
N LEU B 66 -4.77 -20.14 -27.54
CA LEU B 66 -5.66 -20.01 -26.40
C LEU B 66 -7.09 -20.18 -26.89
N GLU B 67 -8.06 -19.83 -26.04
CA GLU B 67 -9.45 -19.83 -26.46
C GLU B 67 -9.75 -18.58 -27.29
N SER B 68 -11.02 -18.40 -27.61
CA SER B 68 -11.45 -17.25 -28.38
C SER B 68 -12.34 -16.35 -27.55
N VAL B 69 -12.44 -15.10 -27.98
CA VAL B 69 -13.36 -14.13 -27.38
C VAL B 69 -14.32 -13.67 -28.47
N LYS B 70 -15.44 -13.11 -28.04
CA LYS B 70 -16.48 -12.64 -28.95
C LYS B 70 -16.47 -11.12 -28.99
N TRP B 71 -16.28 -10.57 -30.17
CA TRP B 71 -16.30 -9.12 -30.38
C TRP B 71 -17.74 -8.68 -30.62
N GLU B 72 -18.22 -7.76 -29.79
CA GLU B 72 -19.54 -7.16 -29.93
C GLU B 72 -19.40 -5.65 -30.10
N SER B 73 -20.53 -4.98 -30.30
CA SER B 73 -20.53 -3.53 -30.36
C SER B 73 -20.46 -2.87 -28.99
N SER B 74 -20.46 -3.66 -27.91
CA SER B 74 -20.36 -3.16 -26.55
C SER B 74 -19.10 -3.65 -25.86
N SER B 75 -18.19 -4.28 -26.58
CA SER B 75 -17.00 -4.86 -25.97
C SER B 75 -16.02 -3.77 -25.55
N ALA B 76 -15.39 -3.98 -24.39
CA ALA B 76 -14.42 -3.04 -23.86
C ALA B 76 -12.99 -3.47 -24.10
N GLY B 77 -12.70 -4.76 -24.07
CA GLY B 77 -11.33 -5.20 -24.26
C GLY B 77 -10.95 -6.35 -23.37
N TRP B 78 -9.82 -6.98 -23.67
CA TRP B 78 -9.39 -8.18 -22.97
C TRP B 78 -7.92 -8.07 -22.63
N TRP B 79 -7.48 -8.83 -21.62
CA TRP B 79 -6.07 -8.90 -21.29
C TRP B 79 -5.70 -10.33 -20.87
N TRP B 80 -4.45 -10.69 -21.15
CA TRP B 80 -3.83 -11.93 -20.71
C TRP B 80 -2.48 -11.59 -20.11
N LYS B 81 -2.14 -12.24 -18.99
CA LYS B 81 -0.86 -12.04 -18.33
C LYS B 81 0.02 -13.26 -18.56
N PHE B 82 1.26 -13.03 -18.97
CA PHE B 82 2.21 -14.06 -19.34
C PHE B 82 3.38 -14.10 -18.36
N PRO B 83 3.99 -15.28 -18.12
CA PRO B 83 3.79 -16.62 -18.67
C PRO B 83 2.65 -17.40 -18.06
N GLU B 84 1.83 -16.76 -17.23
CA GLU B 84 0.77 -17.45 -16.51
C GLU B 84 -0.40 -17.82 -17.41
N ALA B 85 -0.49 -17.24 -18.61
CA ALA B 85 -1.55 -17.58 -19.55
C ALA B 85 -1.29 -18.88 -20.30
N LEU B 86 -0.06 -19.38 -20.26
CA LEU B 86 0.32 -20.62 -20.94
C LEU B 86 0.75 -21.69 -19.94
N SER B 87 0.15 -21.70 -18.76
CA SER B 87 0.58 -22.60 -17.69
C SER B 87 0.11 -24.03 -17.90
N ASP B 88 -0.98 -24.25 -18.64
CA ASP B 88 -1.47 -25.59 -18.92
C ASP B 88 -1.13 -26.05 -20.32
N MET B 89 -0.29 -25.32 -21.05
CA MET B 89 -0.03 -25.60 -22.45
C MET B 89 1.18 -26.53 -22.57
N GLY B 90 0.92 -27.83 -22.57
CA GLY B 90 1.89 -28.80 -23.05
C GLY B 90 3.09 -28.99 -22.14
N LEU B 91 4.26 -29.05 -22.76
CA LEU B 91 5.52 -29.17 -22.03
C LEU B 91 6.12 -27.83 -21.66
N PHE B 92 5.59 -26.73 -22.20
CA PHE B 92 5.93 -25.41 -21.68
C PHE B 92 5.42 -25.25 -20.26
N GLY B 93 4.22 -25.77 -19.98
CA GLY B 93 3.69 -25.71 -18.64
C GLY B 93 4.30 -26.71 -17.69
N GLN B 94 4.79 -27.83 -18.22
CA GLN B 94 5.41 -28.84 -17.36
C GLN B 94 6.82 -28.45 -16.96
N ASN B 95 7.51 -27.67 -17.79
CA ASN B 95 8.83 -27.18 -17.40
C ASN B 95 8.75 -26.04 -16.40
N MET B 96 7.63 -25.32 -16.35
CA MET B 96 7.44 -24.29 -15.34
C MET B 96 7.22 -24.88 -13.96
N GLN B 97 6.69 -26.09 -13.88
CA GLN B 97 6.38 -26.69 -12.60
C GLN B 97 7.62 -27.21 -11.89
N TYR B 98 8.57 -27.76 -12.64
CA TYR B 98 9.70 -28.46 -12.06
C TYR B 98 10.94 -27.59 -11.88
N HIS B 99 10.91 -26.35 -12.35
CA HIS B 99 12.08 -25.48 -12.32
C HIS B 99 11.80 -24.23 -11.50
N TYR B 100 12.86 -23.68 -10.93
CA TYR B 100 12.76 -22.47 -10.12
C TYR B 100 12.85 -21.21 -10.96
N LEU B 101 13.69 -21.20 -12.00
CA LEU B 101 13.87 -20.04 -12.85
C LEU B 101 13.53 -20.40 -14.29
N GLY B 102 13.09 -19.40 -15.04
CA GLY B 102 12.84 -19.56 -16.46
C GLY B 102 13.05 -18.22 -17.15
N ARG B 103 13.22 -18.28 -18.48
CA ARG B 103 13.50 -17.07 -19.26
C ARG B 103 13.17 -17.33 -20.71
N THR B 104 12.26 -16.54 -21.27
CA THR B 104 11.83 -16.77 -22.64
C THR B 104 11.37 -15.48 -23.30
N GLY B 105 11.39 -15.48 -24.63
CA GLY B 105 10.73 -14.48 -25.45
C GLY B 105 9.52 -15.11 -26.12
N TYR B 106 8.71 -14.27 -26.75
CA TYR B 106 7.43 -14.72 -27.28
C TYR B 106 7.20 -14.20 -28.69
N THR B 107 6.40 -14.94 -29.46
CA THR B 107 5.80 -14.48 -30.70
C THR B 107 4.29 -14.54 -30.53
N ILE B 108 3.65 -13.37 -30.53
CA ILE B 108 2.20 -13.25 -30.36
C ILE B 108 1.59 -13.02 -31.72
N HIS B 109 0.58 -13.82 -32.08
CA HIS B 109 -0.16 -13.63 -33.32
C HIS B 109 -1.66 -13.56 -32.98
N VAL B 110 -2.18 -12.35 -32.89
CA VAL B 110 -3.61 -12.12 -32.68
C VAL B 110 -4.27 -12.01 -34.04
N GLN B 111 -5.39 -12.69 -34.23
CA GLN B 111 -5.99 -12.83 -35.56
C GLN B 111 -7.50 -12.68 -35.50
N CYS B 112 -8.03 -11.77 -36.30
CA CYS B 112 -9.46 -11.47 -36.31
C CYS B 112 -9.85 -11.11 -37.73
N ASN B 113 -10.66 -11.95 -38.37
CA ASN B 113 -11.09 -11.72 -39.75
C ASN B 113 -12.55 -11.31 -39.80
N ALA B 114 -12.85 -10.39 -40.72
CA ALA B 114 -14.22 -9.98 -41.02
C ALA B 114 -14.26 -9.54 -42.47
N SER B 115 -15.47 -9.33 -42.98
CA SER B 115 -15.66 -9.05 -44.40
C SER B 115 -15.38 -7.58 -44.69
N LYS B 116 -15.61 -7.18 -45.95
CA LYS B 116 -15.47 -5.80 -46.38
C LYS B 116 -16.66 -4.93 -45.99
N PHE B 117 -17.66 -5.48 -45.32
CA PHE B 117 -18.83 -4.73 -44.89
C PHE B 117 -18.87 -4.54 -43.39
N HIS B 118 -17.83 -4.97 -42.68
CA HIS B 118 -17.64 -4.73 -41.26
C HIS B 118 -16.63 -3.62 -41.06
N GLN B 119 -16.73 -2.94 -39.92
CA GLN B 119 -15.73 -1.95 -39.53
C GLN B 119 -15.40 -2.11 -38.06
N GLY B 120 -14.22 -1.66 -37.69
CA GLY B 120 -13.74 -1.75 -36.32
C GLY B 120 -12.22 -1.77 -36.27
N CYS B 121 -11.69 -1.31 -35.15
CA CYS B 121 -10.25 -1.20 -34.95
C CYS B 121 -9.87 -1.64 -33.55
N LEU B 122 -8.88 -2.53 -33.45
CA LEU B 122 -8.34 -2.99 -32.18
C LEU B 122 -6.92 -2.49 -31.99
N LEU B 123 -6.57 -2.18 -30.75
CA LEU B 123 -5.18 -1.89 -30.39
C LEU B 123 -4.62 -3.10 -29.67
N VAL B 124 -3.52 -3.63 -30.19
CA VAL B 124 -2.92 -4.83 -29.63
C VAL B 124 -1.56 -4.48 -29.03
N VAL B 125 -1.52 -4.22 -27.71
CA VAL B 125 -0.29 -3.83 -27.03
C VAL B 125 0.29 -5.01 -26.27
N CYS B 126 1.61 -4.98 -26.06
CA CYS B 126 2.31 -5.86 -25.16
C CYS B 126 3.02 -4.98 -24.14
N VAL B 127 2.52 -4.95 -22.91
CA VAL B 127 2.90 -3.96 -21.91
C VAL B 127 3.74 -4.66 -20.83
N PRO B 128 5.04 -4.39 -20.73
CA PRO B 128 5.85 -4.98 -19.67
C PRO B 128 5.52 -4.39 -18.31
N GLU B 129 5.39 -5.27 -17.31
CA GLU B 129 5.19 -4.93 -15.89
C GLU B 129 3.93 -4.09 -15.68
N ALA B 130 2.84 -4.52 -16.30
CA ALA B 130 1.56 -3.82 -16.21
C ALA B 130 0.94 -4.09 -14.84
N GLU B 131 1.48 -3.41 -13.83
CA GLU B 131 0.95 -3.55 -12.48
C GLU B 131 -0.38 -2.82 -12.37
N MET B 132 -1.41 -3.55 -11.94
CA MET B 132 -2.78 -3.07 -11.99
C MET B 132 -3.22 -2.57 -10.62
N GLY B 133 -4.04 -1.53 -10.63
CA GLY B 133 -4.58 -1.00 -9.40
C GLY B 133 -5.95 -1.57 -9.07
N ALA B 134 -6.22 -1.68 -7.77
CA ALA B 134 -7.40 -2.38 -7.29
C ALA B 134 -8.66 -1.55 -7.51
N ALA B 135 -9.79 -2.25 -7.56
CA ALA B 135 -11.08 -1.59 -7.78
C ALA B 135 -11.58 -0.95 -6.50
N THR B 136 -11.62 -1.71 -5.41
CA THR B 136 -11.90 -1.16 -4.09
C THR B 136 -10.55 -0.78 -3.49
N THR B 137 -10.23 0.51 -3.57
CA THR B 137 -9.02 1.02 -2.95
C THR B 137 -9.21 1.05 -1.44
N ASP B 138 -8.15 0.68 -0.71
CA ASP B 138 -7.98 0.24 0.71
C ASP B 138 -8.21 -1.26 0.91
N HIS B 139 -8.36 -2.04 -0.16
CA HIS B 139 -8.53 -3.48 -0.05
C HIS B 139 -7.53 -4.18 -0.95
N ALA B 140 -6.89 -5.23 -0.43
CA ALA B 140 -6.08 -6.09 -1.26
C ALA B 140 -6.97 -6.99 -2.11
N PHE B 141 -6.40 -7.54 -3.17
CA PHE B 141 -7.23 -8.21 -4.16
C PHE B 141 -6.56 -9.48 -4.67
N ASN B 142 -7.42 -10.43 -5.06
CA ASN B 142 -7.11 -11.83 -5.32
C ASN B 142 -6.27 -11.99 -6.57
N HIS B 143 -5.64 -13.17 -6.70
CA HIS B 143 -4.87 -13.51 -7.89
C HIS B 143 -5.70 -14.19 -8.95
N THR B 144 -6.92 -14.61 -8.62
CA THR B 144 -7.79 -15.24 -9.61
C THR B 144 -8.50 -14.19 -10.44
N LYS B 145 -8.71 -12.99 -9.89
CA LYS B 145 -9.30 -11.89 -10.63
C LYS B 145 -8.28 -11.18 -11.51
N LEU B 146 -6.99 -11.45 -11.34
CA LEU B 146 -5.96 -10.83 -12.16
C LEU B 146 -5.62 -11.68 -13.37
N SER B 147 -5.55 -13.00 -13.19
CA SER B 147 -5.20 -13.91 -14.28
C SER B 147 -5.65 -15.31 -13.90
N ASN B 148 -6.55 -15.88 -14.70
CA ASN B 148 -6.79 -17.31 -14.67
C ASN B 148 -5.77 -17.98 -15.59
N ILE B 149 -5.89 -19.30 -15.76
CA ILE B 149 -4.81 -20.05 -16.36
C ILE B 149 -4.78 -19.87 -17.87
N GLY B 150 -5.96 -19.77 -18.49
CA GLY B 150 -6.00 -19.50 -19.92
C GLY B 150 -7.15 -18.60 -20.30
N GLN B 151 -7.90 -18.16 -19.30
CA GLN B 151 -9.11 -17.38 -19.53
C GLN B 151 -8.74 -15.93 -19.84
N ALA B 152 -9.53 -15.30 -20.70
CA ALA B 152 -9.38 -13.90 -21.03
C ALA B 152 -10.15 -13.05 -20.03
N MET B 153 -9.42 -12.18 -19.32
CA MET B 153 -10.07 -11.25 -18.40
C MET B 153 -10.58 -10.05 -19.17
N GLU B 154 -11.71 -9.51 -18.74
CA GLU B 154 -12.43 -8.50 -19.51
C GLU B 154 -12.34 -7.13 -18.85
N PHE B 155 -12.00 -6.11 -19.65
CA PHE B 155 -12.19 -4.74 -19.26
C PHE B 155 -13.67 -4.39 -19.26
N SER B 156 -14.01 -3.31 -18.59
CA SER B 156 -15.38 -2.84 -18.52
C SER B 156 -15.49 -1.44 -19.11
N ALA B 157 -16.70 -1.07 -19.50
CA ALA B 157 -16.94 0.28 -20.01
C ALA B 157 -16.91 1.29 -18.88
N LYS B 158 -17.74 1.09 -17.86
CA LYS B 158 -17.78 1.96 -16.70
C LYS B 158 -16.79 1.44 -15.66
N LYS B 159 -16.85 1.96 -14.44
CA LYS B 159 -15.90 1.59 -13.41
C LYS B 159 -16.38 0.37 -12.65
N SER B 160 -15.43 -0.31 -11.99
CA SER B 160 -15.68 -1.56 -11.30
C SER B 160 -15.71 -1.34 -9.81
N THR B 161 -16.69 -1.93 -9.14
CA THR B 161 -16.86 -1.83 -7.69
C THR B 161 -16.67 -3.17 -6.99
N ASP B 162 -15.88 -4.06 -7.59
CA ASP B 162 -15.58 -5.35 -6.98
C ASP B 162 -14.64 -5.15 -5.80
N GLN B 163 -14.92 -5.84 -4.70
CA GLN B 163 -14.12 -5.70 -3.49
C GLN B 163 -12.76 -6.38 -3.59
N THR B 164 -12.63 -7.40 -4.44
CA THR B 164 -11.41 -8.19 -4.49
C THR B 164 -10.86 -8.35 -5.91
N GLY B 165 -11.18 -7.42 -6.81
CA GLY B 165 -10.66 -7.47 -8.15
C GLY B 165 -9.96 -6.18 -8.53
N PRO B 166 -9.40 -6.13 -9.74
CA PRO B 166 -8.77 -4.90 -10.21
C PRO B 166 -9.79 -3.94 -10.79
N GLN B 167 -9.32 -2.74 -11.11
CA GLN B 167 -10.15 -1.71 -11.71
C GLN B 167 -10.14 -1.89 -13.23
N THR B 168 -11.32 -2.06 -13.81
CA THR B 168 -11.43 -2.54 -15.19
C THR B 168 -12.04 -1.51 -16.13
N ALA B 169 -12.04 -0.23 -15.76
CA ALA B 169 -12.47 0.82 -16.67
C ALA B 169 -11.41 0.98 -17.76
N VAL B 170 -11.79 0.76 -19.02
CA VAL B 170 -10.82 0.57 -20.08
C VAL B 170 -10.13 1.87 -20.48
N HIS B 171 -10.75 3.03 -20.25
CA HIS B 171 -10.12 4.28 -20.65
C HIS B 171 -8.97 4.67 -19.75
N ASN B 172 -8.83 4.02 -18.59
CA ASN B 172 -7.65 4.16 -17.75
C ASN B 172 -6.70 2.99 -17.88
N ALA B 173 -7.06 1.96 -18.65
CA ALA B 173 -6.28 0.75 -18.92
C ALA B 173 -5.95 -0.06 -17.67
N GLY B 174 -6.65 0.17 -16.56
CA GLY B 174 -6.37 -0.54 -15.33
C GLY B 174 -5.08 -0.16 -14.64
N MET B 175 -4.37 0.85 -15.13
CA MET B 175 -3.07 1.22 -14.59
C MET B 175 -2.98 2.66 -14.11
N GLY B 176 -4.00 3.48 -14.33
CA GLY B 176 -3.95 4.87 -13.91
C GLY B 176 -3.43 5.82 -14.96
N VAL B 177 -3.39 5.41 -16.22
CA VAL B 177 -2.82 6.21 -17.29
C VAL B 177 -3.93 6.52 -18.28
N ALA B 178 -3.61 7.23 -19.35
CA ALA B 178 -4.52 7.38 -20.46
C ALA B 178 -4.32 6.22 -21.42
N VAL B 179 -5.43 5.62 -21.87
CA VAL B 179 -5.35 4.47 -22.76
C VAL B 179 -4.83 4.86 -24.15
N GLY B 180 -4.88 6.15 -24.50
CA GLY B 180 -4.33 6.60 -25.75
C GLY B 180 -2.82 6.64 -25.78
N ASN B 181 -2.16 6.61 -24.62
CA ASN B 181 -0.71 6.69 -24.54
C ASN B 181 -0.05 5.33 -24.45
N LEU B 182 -0.80 4.26 -24.69
CA LEU B 182 -0.25 2.90 -24.66
C LEU B 182 0.56 2.54 -25.90
N THR B 183 0.77 3.48 -26.82
CA THR B 183 1.45 3.18 -28.08
C THR B 183 2.96 3.42 -28.02
N ILE B 184 3.54 3.45 -26.83
CA ILE B 184 4.99 3.32 -26.69
C ILE B 184 5.44 1.90 -26.40
N PHE B 185 4.57 1.08 -25.85
CA PHE B 185 4.82 -0.34 -25.77
C PHE B 185 4.70 -0.94 -27.17
N PRO B 186 5.39 -2.08 -27.43
CA PRO B 186 5.29 -2.71 -28.76
C PRO B 186 3.88 -3.09 -29.18
N HIS B 187 3.36 -2.42 -30.19
CA HIS B 187 1.94 -2.47 -30.51
C HIS B 187 1.74 -2.64 -32.00
N GLN B 188 0.53 -3.08 -32.36
CA GLN B 188 0.03 -3.09 -33.72
C GLN B 188 -1.47 -2.95 -33.68
N TRP B 189 -2.04 -2.51 -34.79
CA TRP B 189 -3.48 -2.36 -34.92
C TRP B 189 -4.03 -3.41 -35.86
N ILE B 190 -5.27 -3.81 -35.63
CA ILE B 190 -6.02 -4.63 -36.56
C ILE B 190 -7.20 -3.80 -37.01
N ASN B 191 -7.07 -3.17 -38.17
CA ASN B 191 -8.11 -2.35 -38.77
C ASN B 191 -8.79 -3.18 -39.83
N LEU B 192 -10.08 -3.48 -39.63
CA LEU B 192 -10.79 -4.44 -40.48
C LEU B 192 -10.96 -3.96 -41.91
N ARG B 193 -10.79 -2.66 -42.16
CA ARG B 193 -10.72 -2.14 -43.52
C ARG B 193 -9.48 -2.69 -44.24
N THR B 194 -8.36 -2.85 -43.54
CA THR B 194 -7.10 -3.17 -44.18
C THR B 194 -6.33 -4.33 -43.57
N ASN B 195 -6.65 -4.79 -42.37
CA ASN B 195 -5.80 -5.72 -41.65
C ASN B 195 -6.57 -6.98 -41.27
N ASN B 196 -5.84 -8.07 -41.17
CA ASN B 196 -6.40 -9.36 -40.80
C ASN B 196 -5.86 -9.87 -39.48
N SER B 197 -4.60 -9.58 -39.16
CA SER B 197 -3.96 -10.11 -37.98
C SER B 197 -2.82 -9.18 -37.58
N ALA B 198 -2.28 -9.42 -36.39
CA ALA B 198 -1.18 -8.63 -35.85
C ALA B 198 -0.14 -9.56 -35.28
N THR B 199 1.13 -9.25 -35.51
CA THR B 199 2.24 -10.06 -35.05
C THR B 199 3.23 -9.19 -34.29
N ILE B 200 3.56 -9.59 -33.06
CA ILE B 200 4.50 -8.89 -32.21
C ILE B 200 5.50 -9.90 -31.67
N VAL B 201 6.79 -9.65 -31.87
CA VAL B 201 7.85 -10.50 -31.37
C VAL B 201 8.46 -9.82 -30.15
N MET B 202 8.28 -10.42 -28.98
CA MET B 202 8.73 -9.84 -27.72
C MET B 202 9.99 -10.53 -27.24
N PRO B 203 11.03 -9.79 -26.84
CA PRO B 203 12.18 -10.43 -26.17
C PRO B 203 11.93 -10.62 -24.69
N TYR B 204 12.93 -11.05 -23.95
CA TYR B 204 12.84 -11.15 -22.51
C TYR B 204 13.19 -9.79 -21.90
N ILE B 205 12.21 -9.14 -21.29
CA ILE B 205 12.40 -7.86 -20.62
C ILE B 205 12.23 -8.08 -19.14
N ASN B 206 13.30 -7.86 -18.38
CA ASN B 206 13.29 -7.95 -16.93
C ASN B 206 14.52 -7.23 -16.41
N SER B 207 14.55 -7.00 -15.09
CA SER B 207 15.71 -6.42 -14.45
C SER B 207 16.67 -7.47 -13.90
N VAL B 208 16.32 -8.74 -14.00
CA VAL B 208 17.15 -9.86 -13.58
C VAL B 208 17.31 -10.78 -14.79
N PRO B 209 18.38 -11.56 -14.90
CA PRO B 209 18.54 -12.41 -16.10
C PRO B 209 17.60 -13.58 -16.14
N MET B 210 17.12 -14.06 -15.00
CA MET B 210 16.19 -15.18 -14.91
C MET B 210 15.22 -14.90 -13.77
N ASP B 211 14.05 -15.53 -13.83
CA ASP B 211 13.03 -15.22 -12.84
C ASP B 211 12.08 -16.40 -12.70
N ASN B 212 11.34 -16.40 -11.59
CA ASN B 212 10.33 -17.41 -11.36
C ASN B 212 9.12 -17.11 -12.24
N MET B 213 8.61 -18.14 -12.91
CA MET B 213 7.53 -17.97 -13.87
C MET B 213 6.16 -18.15 -13.25
N TYR B 214 6.06 -18.13 -11.93
CA TYR B 214 4.78 -18.23 -11.23
C TYR B 214 4.48 -17.01 -10.39
N ARG B 215 5.45 -16.51 -9.62
CA ARG B 215 5.23 -15.35 -8.78
C ARG B 215 5.20 -14.05 -9.56
N HIS B 216 5.68 -14.03 -10.80
CA HIS B 216 5.90 -12.80 -11.55
C HIS B 216 5.21 -12.87 -12.91
N TYR B 217 4.44 -11.84 -13.25
CA TYR B 217 3.90 -11.67 -14.59
C TYR B 217 4.84 -10.76 -15.36
N ASN B 218 5.36 -11.26 -16.48
CA ASN B 218 6.33 -10.49 -17.26
C ASN B 218 5.65 -9.34 -17.99
N PHE B 219 4.70 -9.64 -18.87
CA PHE B 219 3.99 -8.61 -19.59
C PHE B 219 2.51 -8.99 -19.68
N THR B 220 1.71 -8.02 -20.12
CA THR B 220 0.28 -8.17 -20.28
C THR B 220 -0.09 -7.80 -21.70
N LEU B 221 -0.68 -8.73 -22.44
CA LEU B 221 -1.16 -8.49 -23.79
C LEU B 221 -2.61 -8.01 -23.70
N MET B 222 -2.85 -6.76 -24.08
CA MET B 222 -4.19 -6.19 -24.10
C MET B 222 -4.66 -6.07 -25.54
N VAL B 223 -5.95 -6.34 -25.77
CA VAL B 223 -6.60 -6.13 -27.06
C VAL B 223 -7.79 -5.21 -26.80
N ILE B 224 -7.67 -3.95 -27.18
CA ILE B 224 -8.64 -2.92 -26.85
C ILE B 224 -9.29 -2.40 -28.13
N PRO B 225 -10.61 -2.48 -28.28
CA PRO B 225 -11.28 -1.88 -29.44
C PRO B 225 -11.38 -0.37 -29.32
N PHE B 226 -10.72 0.34 -30.23
CA PHE B 226 -10.79 1.80 -30.26
C PHE B 226 -11.94 2.30 -31.12
N ALA B 227 -12.20 1.65 -32.24
CA ALA B 227 -13.42 1.84 -33.01
C ALA B 227 -14.25 0.58 -32.90
N LYS B 228 -15.54 0.72 -32.59
CA LYS B 228 -16.31 -0.45 -32.23
C LYS B 228 -16.78 -1.21 -33.46
N LEU B 229 -17.09 -2.48 -33.25
CA LEU B 229 -17.55 -3.36 -34.33
C LEU B 229 -18.99 -3.01 -34.66
N GLU B 230 -19.24 -2.54 -35.87
CA GLU B 230 -20.60 -2.29 -36.31
C GLU B 230 -20.76 -2.74 -37.75
N HIS B 231 -21.88 -3.37 -38.03
CA HIS B 231 -22.16 -3.94 -39.35
C HIS B 231 -23.66 -3.89 -39.57
N SER B 232 -24.08 -4.34 -40.76
CA SER B 232 -25.49 -4.52 -41.02
C SER B 232 -26.03 -5.69 -40.19
N PRO B 233 -27.30 -5.66 -39.79
CA PRO B 233 -27.89 -6.81 -39.10
C PRO B 233 -27.98 -8.07 -39.93
N GLN B 234 -28.01 -7.95 -41.26
CA GLN B 234 -28.05 -9.12 -42.13
C GLN B 234 -26.67 -9.66 -42.47
N ALA B 235 -25.62 -9.10 -41.88
CA ALA B 235 -24.29 -9.64 -42.04
C ALA B 235 -24.03 -10.71 -40.98
N SER B 236 -22.81 -11.24 -40.96
CA SER B 236 -22.44 -12.25 -39.97
C SER B 236 -22.15 -11.56 -38.65
N THR B 237 -22.85 -12.00 -37.60
CA THR B 237 -22.79 -11.30 -36.32
C THR B 237 -21.73 -11.84 -35.37
N TYR B 238 -21.27 -13.07 -35.56
CA TYR B 238 -20.23 -13.64 -34.72
C TYR B 238 -18.88 -13.39 -35.36
N VAL B 239 -18.13 -12.46 -34.80
CA VAL B 239 -16.74 -12.21 -35.15
C VAL B 239 -15.89 -12.63 -33.96
N PRO B 240 -15.08 -13.69 -34.06
CA PRO B 240 -14.19 -14.05 -32.97
C PRO B 240 -12.78 -13.48 -33.12
N ILE B 241 -12.10 -13.35 -31.98
CA ILE B 241 -10.69 -12.99 -31.94
C ILE B 241 -9.95 -14.14 -31.26
N THR B 242 -8.87 -14.60 -31.90
CA THR B 242 -8.10 -15.74 -31.43
C THR B 242 -6.65 -15.31 -31.24
N VAL B 243 -6.01 -15.81 -30.19
CA VAL B 243 -4.66 -15.42 -29.81
C VAL B 243 -3.77 -16.66 -29.80
N THR B 244 -2.73 -16.65 -30.63
CA THR B 244 -1.77 -17.75 -30.75
C THR B 244 -0.41 -17.25 -30.31
N VAL B 245 0.16 -17.87 -29.28
CA VAL B 245 1.42 -17.43 -28.69
C VAL B 245 2.43 -18.58 -28.75
N ALA B 246 3.66 -18.26 -29.13
CA ALA B 246 4.76 -19.20 -29.19
C ALA B 246 5.92 -18.71 -28.33
N PRO B 247 6.40 -19.50 -27.38
CA PRO B 247 7.63 -19.15 -26.68
C PRO B 247 8.83 -19.22 -27.60
N MET B 248 9.86 -18.42 -27.30
CA MET B 248 11.05 -18.35 -28.13
C MET B 248 12.27 -18.33 -27.22
N CYS B 249 13.19 -19.27 -27.47
CA CYS B 249 14.47 -19.40 -26.76
C CYS B 249 14.27 -19.60 -25.26
N ALA B 250 13.35 -20.48 -24.92
CA ALA B 250 13.01 -20.74 -23.52
C ALA B 250 14.03 -21.67 -22.88
N GLU B 251 14.54 -21.28 -21.73
CA GLU B 251 15.43 -22.13 -20.95
C GLU B 251 15.11 -21.98 -19.46
N TYR B 252 15.50 -23.00 -18.69
CA TYR B 252 15.04 -23.17 -17.32
C TYR B 252 16.19 -23.64 -16.44
N ASN B 253 16.28 -23.08 -15.24
CA ASN B 253 17.25 -23.47 -14.23
C ASN B 253 16.56 -23.89 -12.95
N GLY B 254 17.29 -24.61 -12.11
CA GLY B 254 16.83 -24.94 -10.77
C GLY B 254 15.80 -26.04 -10.68
N LEU B 255 16.18 -27.25 -11.07
CA LEU B 255 15.26 -28.38 -11.13
C LEU B 255 15.00 -28.94 -9.73
N ARG B 256 13.72 -28.99 -9.35
CA ARG B 256 13.29 -29.57 -8.08
C ARG B 256 11.92 -30.21 -8.32
N LEU B 257 11.25 -30.61 -7.23
CA LEU B 257 9.92 -31.18 -7.32
C LEU B 257 8.90 -30.18 -7.84
N ALA B 258 7.74 -30.70 -8.25
CA ALA B 258 6.75 -29.90 -8.96
C ALA B 258 6.01 -28.96 -8.01
N GLY B 259 5.94 -27.68 -8.40
CA GLY B 259 5.42 -26.63 -7.56
C GLY B 259 3.90 -26.64 -7.46
N HIS B 260 3.33 -25.52 -7.02
CA HIS B 260 4.01 -24.23 -6.82
C HIS B 260 3.51 -23.51 -5.57
N GLN B 261 4.37 -23.34 -4.59
CA GLN B 261 3.97 -22.70 -3.34
C GLN B 261 5.16 -22.08 -2.60
N GLY C 1 48.79 26.57 5.90
CA GLY C 1 47.68 27.50 5.96
C GLY C 1 47.58 28.39 4.74
N LEU C 2 46.99 27.86 3.66
CA LEU C 2 46.85 28.61 2.42
C LEU C 2 45.80 29.71 2.57
N PRO C 3 46.13 30.96 2.25
CA PRO C 3 45.17 32.06 2.43
C PRO C 3 44.07 32.00 1.37
N THR C 4 42.84 31.82 1.83
CA THR C 4 41.66 31.80 0.97
C THR C 4 40.70 32.91 1.38
N MET C 5 39.63 33.04 0.59
CA MET C 5 38.63 34.08 0.80
C MET C 5 37.30 33.57 0.28
N ASN C 6 36.24 33.77 1.06
CA ASN C 6 34.94 33.21 0.75
C ASN C 6 34.12 34.19 -0.08
N THR C 7 33.77 33.78 -1.29
CA THR C 7 32.93 34.55 -2.18
C THR C 7 31.47 34.39 -1.77
N PRO C 8 30.58 35.27 -2.23
CA PRO C 8 29.14 35.02 -2.04
C PRO C 8 28.69 33.75 -2.74
N GLY C 9 27.87 32.97 -2.04
CA GLY C 9 27.44 31.67 -2.52
C GLY C 9 27.87 30.52 -1.63
N SER C 10 28.75 30.75 -0.66
CA SER C 10 29.17 29.68 0.24
C SER C 10 28.04 29.31 1.19
N THR C 11 28.07 28.05 1.64
CA THR C 11 27.11 27.44 2.59
C THR C 11 25.67 27.61 2.13
N GLN C 12 25.43 27.46 0.83
CA GLN C 12 24.10 27.53 0.26
C GLN C 12 23.74 26.17 -0.33
N PHE C 13 22.43 25.94 -0.49
CA PHE C 13 21.92 24.73 -1.12
C PHE C 13 21.10 25.15 -2.33
N LEU C 14 21.75 25.20 -3.48
CA LEU C 14 21.07 25.33 -4.76
C LEU C 14 20.73 23.93 -5.26
N THR C 15 19.47 23.72 -5.66
CA THR C 15 19.03 22.37 -5.95
C THR C 15 19.43 21.89 -7.34
N SER C 16 20.20 22.67 -8.09
CA SER C 16 20.64 22.31 -9.44
C SER C 16 22.13 22.52 -9.58
N ASP C 17 22.89 22.02 -8.61
CA ASP C 17 24.34 22.16 -8.59
C ASP C 17 25.02 20.82 -8.89
N ASP C 18 26.30 20.89 -9.28
CA ASP C 18 27.10 19.71 -9.61
C ASP C 18 28.36 19.74 -8.77
N PHE C 19 28.27 19.21 -7.56
CA PHE C 19 29.41 19.13 -6.66
C PHE C 19 29.65 17.68 -6.27
N GLN C 20 30.87 17.42 -5.80
CA GLN C 20 31.23 16.09 -5.34
C GLN C 20 31.03 15.99 -3.84
N SER C 21 30.67 14.79 -3.39
CA SER C 21 30.32 14.54 -2.01
C SER C 21 30.91 13.21 -1.58
N PRO C 22 31.28 13.05 -0.31
CA PRO C 22 31.87 11.78 0.12
C PRO C 22 30.84 10.66 0.17
N SER C 23 31.26 9.48 -0.29
CA SER C 23 30.36 8.34 -0.33
C SER C 23 30.12 7.80 1.07
N ALA C 24 28.88 7.36 1.32
CA ALA C 24 28.54 6.81 2.63
C ALA C 24 28.86 5.32 2.72
N MET C 25 28.78 4.60 1.60
CA MET C 25 29.22 3.22 1.49
C MET C 25 30.51 3.18 0.69
N PRO C 26 31.68 3.23 1.33
CA PRO C 26 32.93 3.29 0.57
C PRO C 26 33.34 1.91 0.08
N GLN C 27 33.86 1.89 -1.15
CA GLN C 27 34.32 0.68 -1.85
C GLN C 27 33.21 -0.36 -1.96
N PHE C 28 32.00 0.10 -2.30
CA PHE C 28 30.87 -0.78 -2.49
C PHE C 28 30.93 -1.41 -3.87
N ASP C 29 30.69 -2.71 -3.95
CA ASP C 29 30.75 -3.46 -5.20
C ASP C 29 29.36 -3.52 -5.80
N VAL C 30 29.13 -2.73 -6.84
CA VAL C 30 27.81 -2.69 -7.45
C VAL C 30 27.63 -3.90 -8.36
N THR C 31 26.39 -4.33 -8.51
CA THR C 31 26.09 -5.47 -9.37
C THR C 31 26.26 -5.08 -10.84
N PRO C 32 26.79 -5.98 -11.67
CA PRO C 32 27.08 -5.59 -13.07
C PRO C 32 25.80 -5.46 -13.88
N GLU C 33 25.80 -4.50 -14.78
CA GLU C 33 24.61 -4.25 -15.58
C GLU C 33 24.53 -5.20 -16.76
N ILE C 34 23.30 -5.52 -17.16
CA ILE C 34 23.03 -6.43 -18.26
C ILE C 34 22.39 -5.63 -19.39
N GLN C 35 22.11 -6.30 -20.51
CA GLN C 35 21.51 -5.63 -21.66
C GLN C 35 19.99 -5.78 -21.57
N ILE C 36 19.34 -4.76 -21.03
CA ILE C 36 17.88 -4.69 -21.06
C ILE C 36 17.47 -3.96 -22.34
N PRO C 37 16.48 -4.44 -23.07
CA PRO C 37 16.03 -3.71 -24.26
C PRO C 37 15.23 -2.47 -23.89
N GLY C 38 15.35 -1.45 -24.74
CA GLY C 38 14.52 -0.29 -24.61
C GLY C 38 15.13 0.83 -23.81
N GLN C 39 16.42 1.03 -23.93
CA GLN C 39 17.10 2.07 -23.15
C GLN C 39 16.75 3.45 -23.67
N VAL C 40 16.31 4.31 -22.76
CA VAL C 40 15.94 5.68 -23.07
C VAL C 40 17.11 6.57 -22.70
N ARG C 41 17.59 7.36 -23.65
CA ARG C 41 18.64 8.32 -23.38
C ARG C 41 18.18 9.76 -23.46
N ASN C 42 17.14 10.04 -24.25
CA ASN C 42 16.58 11.38 -24.37
C ASN C 42 15.09 11.31 -24.17
N LEU C 43 14.51 12.39 -23.67
CA LEU C 43 13.06 12.45 -23.54
C LEU C 43 12.38 12.72 -24.86
N MET C 44 13.12 13.17 -25.87
CA MET C 44 12.55 13.39 -27.20
C MET C 44 12.45 12.12 -28.03
N GLU C 45 13.04 11.02 -27.57
CA GLU C 45 12.78 9.73 -28.21
C GLU C 45 11.37 9.26 -27.90
N ILE C 46 10.82 9.67 -26.76
CA ILE C 46 9.46 9.30 -26.39
C ILE C 46 8.44 10.18 -27.12
N ALA C 47 8.72 11.48 -27.22
CA ALA C 47 7.79 12.42 -27.82
C ALA C 47 7.65 12.28 -29.33
N GLU C 48 8.55 11.54 -29.98
CA GLU C 48 8.45 11.29 -31.41
C GLU C 48 7.61 10.07 -31.74
N VAL C 49 6.94 9.47 -30.77
CA VAL C 49 6.13 8.28 -30.97
C VAL C 49 4.66 8.70 -31.04
N ASP C 50 3.92 8.11 -31.98
CA ASP C 50 2.51 8.45 -32.19
C ASP C 50 1.66 8.03 -31.00
N SER C 51 0.79 8.93 -30.56
CA SER C 51 -0.23 8.63 -29.57
C SER C 51 -1.54 9.24 -30.05
N VAL C 52 -2.65 8.56 -29.80
CA VAL C 52 -3.92 8.95 -30.39
C VAL C 52 -4.51 10.10 -29.58
N VAL C 53 -5.09 11.06 -30.29
CA VAL C 53 -5.51 12.35 -29.73
C VAL C 53 -7.00 12.30 -29.42
N PRO C 54 -7.43 12.75 -28.24
CA PRO C 54 -8.87 12.80 -27.93
C PRO C 54 -9.56 14.07 -28.44
N VAL C 55 -9.88 14.08 -29.72
CA VAL C 55 -10.47 15.26 -30.34
C VAL C 55 -11.94 15.40 -29.95
N ASN C 56 -12.65 14.28 -29.83
CA ASN C 56 -14.07 14.28 -29.51
C ASN C 56 -14.30 14.30 -28.00
N ASN C 57 -13.71 15.30 -27.34
CA ASN C 57 -13.73 15.36 -25.88
C ASN C 57 -14.86 16.22 -25.34
N THR C 58 -15.98 16.31 -26.05
CA THR C 58 -17.12 17.06 -25.56
C THR C 58 -17.86 16.26 -24.50
N GLU C 59 -18.23 16.91 -23.41
CA GLU C 59 -18.83 16.21 -22.27
C GLU C 59 -20.23 15.72 -22.61
N GLY C 60 -20.59 14.53 -22.10
CA GLY C 60 -19.67 13.62 -21.44
C GLY C 60 -19.17 12.50 -22.32
N HIS C 61 -17.97 12.67 -22.88
CA HIS C 61 -17.29 11.63 -23.62
C HIS C 61 -15.87 11.42 -23.13
N VAL C 62 -15.44 12.12 -22.08
CA VAL C 62 -14.08 11.97 -21.60
C VAL C 62 -13.93 10.76 -20.69
N ASN C 63 -15.03 10.18 -20.23
CA ASN C 63 -15.01 9.00 -19.38
C ASN C 63 -15.29 7.73 -20.15
N SER C 64 -15.12 7.74 -21.47
CA SER C 64 -15.33 6.57 -22.29
C SER C 64 -14.28 6.56 -23.39
N MET C 65 -14.44 5.64 -24.34
CA MET C 65 -13.61 5.61 -25.53
C MET C 65 -14.15 6.49 -26.64
N GLU C 66 -15.21 7.25 -26.37
CA GLU C 66 -15.78 8.16 -27.35
C GLU C 66 -14.96 9.43 -27.50
N ALA C 67 -13.98 9.66 -26.64
CA ALA C 67 -13.10 10.82 -26.79
C ALA C 67 -12.22 10.70 -28.02
N TYR C 68 -11.85 9.48 -28.39
CA TYR C 68 -10.91 9.27 -29.48
C TYR C 68 -11.58 9.12 -30.84
N ARG C 69 -12.88 8.85 -30.88
CA ARG C 69 -13.57 8.55 -32.13
C ARG C 69 -14.14 9.82 -32.74
N ILE C 70 -13.65 10.18 -33.93
CA ILE C 70 -14.12 11.35 -34.66
C ILE C 70 -15.19 10.89 -35.64
N PRO C 71 -16.46 11.26 -35.45
CA PRO C 71 -17.52 10.71 -36.31
C PRO C 71 -17.56 11.38 -37.68
N VAL C 72 -17.65 10.54 -38.72
CA VAL C 72 -17.86 11.00 -40.09
C VAL C 72 -19.00 10.19 -40.69
N ARG C 73 -19.73 10.83 -41.59
CA ARG C 73 -20.93 10.24 -42.18
C ARG C 73 -21.08 10.78 -43.59
N PRO C 74 -21.90 10.14 -44.42
CA PRO C 74 -22.34 10.77 -45.67
C PRO C 74 -23.14 12.04 -45.41
N GLN C 75 -22.82 13.08 -46.17
CA GLN C 75 -23.38 14.41 -45.99
C GLN C 75 -24.39 14.72 -47.08
N THR C 76 -25.11 15.83 -46.90
CA THR C 76 -26.06 16.33 -47.88
C THR C 76 -25.50 17.43 -48.75
N SER C 77 -24.45 18.11 -48.29
CA SER C 77 -23.76 19.12 -49.07
C SER C 77 -22.31 19.16 -48.62
N SER C 78 -21.40 19.30 -49.57
CA SER C 78 -19.98 19.23 -49.27
C SER C 78 -19.47 20.54 -48.68
N GLY C 79 -18.36 20.45 -47.98
CA GLY C 79 -17.70 21.60 -47.43
C GLY C 79 -17.89 21.84 -45.95
N GLU C 80 -18.49 20.90 -45.23
CA GLU C 80 -18.70 21.05 -43.80
C GLU C 80 -17.40 20.81 -43.04
N GLN C 81 -17.47 21.00 -41.73
CA GLN C 81 -16.31 20.83 -40.87
C GLN C 81 -16.41 19.52 -40.09
N VAL C 82 -15.27 18.87 -39.91
CA VAL C 82 -15.21 17.61 -39.16
C VAL C 82 -14.79 17.86 -37.72
N PHE C 83 -13.67 18.53 -37.51
CA PHE C 83 -13.23 18.92 -36.18
C PHE C 83 -12.38 20.19 -36.27
N GLY C 84 -11.95 20.67 -35.11
CA GLY C 84 -11.09 21.83 -35.04
C GLY C 84 -10.54 22.10 -33.66
N PHE C 85 -9.24 22.38 -33.57
CA PHE C 85 -8.64 22.79 -32.30
C PHE C 85 -7.51 23.75 -32.56
N GLN C 86 -7.13 24.49 -31.52
CA GLN C 86 -6.02 25.42 -31.61
C GLN C 86 -4.71 24.70 -31.33
N LEU C 87 -3.69 25.00 -32.11
CA LEU C 87 -2.40 24.34 -31.95
C LEU C 87 -1.70 24.90 -30.72
N GLN C 88 -2.00 24.30 -29.57
CA GLN C 88 -1.26 24.55 -28.33
C GLN C 88 -0.93 23.17 -27.78
N PRO C 89 0.29 22.67 -28.02
CA PRO C 89 0.58 21.25 -27.72
C PRO C 89 0.72 20.93 -26.25
N GLY C 90 0.72 21.93 -25.37
CA GLY C 90 0.83 21.65 -23.95
C GLY C 90 -0.22 22.37 -23.15
N HIS C 91 -1.07 23.13 -23.82
CA HIS C 91 -2.09 23.91 -23.15
C HIS C 91 -3.51 23.57 -23.57
N ASP C 92 -3.74 23.18 -24.80
CA ASP C 92 -5.10 22.87 -25.25
C ASP C 92 -5.55 21.55 -24.65
N SER C 93 -6.84 21.49 -24.30
CA SER C 93 -7.41 20.30 -23.67
C SER C 93 -7.49 19.11 -24.59
N VAL C 94 -7.28 19.30 -25.89
CA VAL C 94 -7.21 18.20 -26.83
C VAL C 94 -5.82 17.56 -26.81
N LEU C 95 -4.77 18.37 -26.67
CA LEU C 95 -3.41 17.92 -26.91
C LEU C 95 -2.52 17.88 -25.69
N LYS C 96 -2.96 18.34 -24.53
CA LYS C 96 -2.03 18.45 -23.41
C LYS C 96 -1.84 17.14 -22.66
N HIS C 97 -2.74 16.18 -22.82
CA HIS C 97 -2.65 14.91 -22.10
C HIS C 97 -2.24 13.76 -23.00
N THR C 98 -1.73 14.05 -24.19
CA THR C 98 -1.20 13.04 -25.08
C THR C 98 0.23 12.71 -24.68
N LEU C 99 0.91 11.91 -25.47
CA LEU C 99 2.28 11.55 -25.13
C LEU C 99 3.25 12.70 -25.41
N LEU C 100 2.94 13.52 -26.42
CA LEU C 100 3.70 14.73 -26.67
C LEU C 100 3.31 15.85 -25.71
N GLY C 101 2.09 15.81 -25.16
CA GLY C 101 1.66 16.87 -24.27
C GLY C 101 2.18 16.74 -22.85
N GLU C 102 2.31 15.51 -22.35
CA GLU C 102 2.79 15.30 -21.00
C GLU C 102 4.29 15.54 -20.86
N ILE C 103 5.02 15.55 -21.96
CA ILE C 103 6.46 15.82 -21.91
C ILE C 103 6.73 17.32 -22.00
N LEU C 104 5.93 18.03 -22.80
CA LEU C 104 6.02 19.48 -22.87
C LEU C 104 5.60 20.17 -21.58
N ASN C 105 4.81 19.51 -20.74
CA ASN C 105 4.40 20.14 -19.49
C ASN C 105 5.45 20.07 -18.41
N TYR C 106 6.56 19.37 -18.64
CA TYR C 106 7.73 19.45 -17.79
C TYR C 106 8.69 20.56 -18.22
N TYR C 107 8.30 21.35 -19.22
CA TYR C 107 9.16 22.36 -19.80
C TYR C 107 8.36 23.63 -20.00
N ALA C 108 9.05 24.72 -20.30
CA ALA C 108 8.42 26.01 -20.52
C ALA C 108 8.58 26.55 -21.93
N ASN C 109 9.48 26.00 -22.73
CA ASN C 109 9.61 26.38 -24.13
C ASN C 109 9.53 25.13 -25.00
N TRP C 110 9.12 25.33 -26.25
CA TRP C 110 9.11 24.26 -27.25
C TRP C 110 9.35 24.87 -28.62
N SER C 111 9.86 24.05 -29.52
CA SER C 111 10.19 24.51 -30.87
C SER C 111 10.29 23.32 -31.80
N GLY C 112 9.77 23.48 -33.01
CA GLY C 112 9.92 22.50 -34.07
C GLY C 112 8.60 22.15 -34.73
N SER C 113 8.72 21.34 -35.78
CA SER C 113 7.56 20.88 -36.52
C SER C 113 6.93 19.68 -35.84
N MET C 114 5.63 19.50 -36.05
CA MET C 114 4.90 18.38 -35.49
C MET C 114 4.12 17.66 -36.58
N LYS C 115 3.73 16.43 -36.29
CA LYS C 115 3.05 15.56 -37.23
C LYS C 115 1.64 15.25 -36.72
N LEU C 116 0.67 15.30 -37.63
CA LEU C 116 -0.69 14.86 -37.35
C LEU C 116 -1.05 13.76 -38.33
N THR C 117 -1.27 12.55 -37.82
CA THR C 117 -1.62 11.41 -38.65
C THR C 117 -3.07 11.02 -38.37
N PHE C 118 -3.83 10.81 -39.43
CA PHE C 118 -5.25 10.50 -39.35
C PHE C 118 -5.49 9.14 -39.98
N MET C 119 -6.40 8.37 -39.39
CA MET C 119 -6.61 6.97 -39.74
C MET C 119 -8.10 6.70 -39.90
N TYR C 120 -8.52 6.45 -41.13
CA TYR C 120 -9.92 6.12 -41.39
C TYR C 120 -10.19 4.68 -40.98
N CYS C 121 -11.13 4.49 -40.05
CA CYS C 121 -11.45 3.18 -39.50
C CYS C 121 -12.88 2.76 -39.85
N GLY C 122 -13.29 3.01 -41.08
CA GLY C 122 -14.58 2.58 -41.58
C GLY C 122 -14.49 1.28 -42.35
N ALA C 123 -15.49 1.05 -43.18
CA ALA C 123 -15.55 -0.18 -43.97
C ALA C 123 -14.57 -0.12 -45.14
N ALA C 124 -14.29 -1.28 -45.72
CA ALA C 124 -13.39 -1.36 -46.86
C ALA C 124 -14.04 -0.94 -48.16
N MET C 125 -15.35 -0.73 -48.17
CA MET C 125 -16.09 -0.38 -49.36
C MET C 125 -16.50 1.08 -49.41
N ALA C 126 -16.21 1.84 -48.37
CA ALA C 126 -16.57 3.25 -48.29
C ALA C 126 -15.38 4.11 -48.69
N THR C 127 -15.64 5.10 -49.54
CA THR C 127 -14.62 6.00 -50.05
C THR C 127 -14.88 7.42 -49.54
N GLY C 128 -13.83 8.22 -49.51
CA GLY C 128 -13.97 9.58 -49.04
C GLY C 128 -12.74 10.40 -49.33
N LYS C 129 -12.95 11.72 -49.39
CA LYS C 129 -11.86 12.69 -49.52
C LYS C 129 -12.04 13.79 -48.49
N PHE C 130 -10.94 14.22 -47.88
CA PHE C 130 -10.95 15.23 -46.83
C PHE C 130 -9.91 16.29 -47.11
N LEU C 131 -10.05 17.43 -46.44
CA LEU C 131 -9.06 18.52 -46.50
C LEU C 131 -8.67 18.88 -45.08
N ILE C 132 -7.43 18.60 -44.71
CA ILE C 132 -6.90 18.94 -43.39
C ILE C 132 -5.94 20.12 -43.56
N ALA C 133 -6.23 21.22 -42.88
CA ALA C 133 -5.49 22.46 -43.09
C ALA C 133 -4.85 22.93 -41.79
N TYR C 134 -3.93 23.89 -41.93
CA TYR C 134 -3.29 24.55 -40.79
C TYR C 134 -3.19 26.03 -41.09
N SER C 135 -3.81 26.87 -40.26
CA SER C 135 -3.85 28.30 -40.50
C SER C 135 -2.96 29.03 -39.49
N PRO C 136 -1.99 29.81 -39.96
CA PRO C 136 -1.20 30.63 -39.05
C PRO C 136 -2.06 31.71 -38.41
N PRO C 137 -1.69 32.18 -37.20
CA PRO C 137 -2.68 32.83 -36.32
C PRO C 137 -3.08 34.27 -36.61
N GLY C 138 -2.62 34.86 -37.72
CA GLY C 138 -2.74 36.30 -37.87
C GLY C 138 -4.14 36.82 -38.16
N ALA C 139 -5.07 35.93 -38.54
CA ALA C 139 -6.35 36.38 -39.08
C ALA C 139 -7.54 35.64 -38.49
N GLY C 140 -7.37 34.95 -37.36
CA GLY C 140 -8.47 34.22 -36.76
C GLY C 140 -8.67 32.86 -37.41
N VAL C 141 -9.61 32.10 -36.85
CA VAL C 141 -9.89 30.75 -37.31
C VAL C 141 -10.71 30.85 -38.59
N PRO C 142 -10.47 29.99 -39.59
CA PRO C 142 -11.33 29.98 -40.78
C PRO C 142 -12.74 29.52 -40.47
N GLY C 143 -13.65 29.91 -41.36
CA GLY C 143 -15.05 29.57 -41.18
C GLY C 143 -15.64 28.81 -42.35
N SER C 144 -14.80 28.48 -43.33
CA SER C 144 -15.24 27.72 -44.49
C SER C 144 -14.04 27.00 -45.09
N ARG C 145 -14.32 26.10 -46.04
CA ARG C 145 -13.24 25.44 -46.75
C ARG C 145 -12.50 26.39 -47.68
N ARG C 146 -13.20 27.45 -48.13
CA ARG C 146 -12.55 28.48 -48.94
C ARG C 146 -11.57 29.30 -48.10
N ASP C 147 -11.89 29.55 -46.84
CA ASP C 147 -10.98 30.23 -45.95
C ASP C 147 -9.85 29.33 -45.46
N ALA C 148 -9.92 28.03 -45.72
CA ALA C 148 -8.90 27.09 -45.27
C ALA C 148 -8.06 26.52 -46.39
N MET C 149 -8.52 26.56 -47.63
CA MET C 149 -7.69 26.16 -48.76
C MET C 149 -6.56 27.14 -49.02
N LEU C 150 -6.67 28.38 -48.52
CA LEU C 150 -5.61 29.37 -48.67
C LEU C 150 -4.46 29.15 -47.69
N GLY C 151 -4.64 28.28 -46.70
CA GLY C 151 -3.60 27.99 -45.74
C GLY C 151 -2.74 26.82 -46.17
N THR C 152 -2.13 26.17 -45.18
CA THR C 152 -1.27 25.02 -45.42
C THR C 152 -2.12 23.77 -45.28
N HIS C 153 -2.48 23.15 -46.40
CA HIS C 153 -3.41 22.03 -46.35
C HIS C 153 -2.82 20.82 -47.06
N VAL C 154 -3.57 19.73 -47.01
CA VAL C 154 -3.31 18.50 -47.74
C VAL C 154 -4.65 17.84 -47.98
N ILE C 155 -4.79 17.13 -49.09
CA ILE C 155 -6.05 16.50 -49.44
C ILE C 155 -5.88 14.99 -49.33
N TRP C 156 -6.58 14.41 -48.36
CA TRP C 156 -6.50 12.99 -48.05
C TRP C 156 -7.45 12.22 -48.96
N ASP C 157 -6.93 11.21 -49.64
CA ASP C 157 -7.74 10.30 -50.44
C ASP C 157 -7.76 8.95 -49.76
N VAL C 158 -8.94 8.51 -49.34
CA VAL C 158 -9.08 7.28 -48.58
C VAL C 158 -9.07 6.10 -49.54
N GLY C 159 -8.11 5.19 -49.35
CA GLY C 159 -7.95 4.04 -50.24
C GLY C 159 -7.35 2.87 -49.51
N LEU C 160 -6.38 2.20 -50.14
CA LEU C 160 -5.73 1.06 -49.50
C LEU C 160 -4.83 1.50 -48.36
N GLN C 161 -4.09 2.59 -48.55
CA GLN C 161 -3.33 3.19 -47.46
C GLN C 161 -4.31 4.01 -46.61
N SER C 162 -4.63 3.49 -45.43
CA SER C 162 -5.68 4.08 -44.60
C SER C 162 -5.24 5.34 -43.87
N SER C 163 -3.97 5.73 -43.93
CA SER C 163 -3.47 6.83 -43.15
C SER C 163 -2.94 7.95 -44.04
N CYS C 164 -2.91 9.15 -43.48
CA CYS C 164 -2.33 10.32 -44.13
C CYS C 164 -1.74 11.23 -43.07
N VAL C 165 -0.73 11.99 -43.47
CA VAL C 165 0.03 12.82 -42.55
C VAL C 165 -0.10 14.27 -42.95
N LEU C 166 -0.73 15.07 -42.10
CA LEU C 166 -0.58 16.51 -42.17
C LEU C 166 0.61 16.90 -41.31
N CYS C 167 1.65 17.42 -41.94
CA CYS C 167 2.83 17.87 -41.22
C CYS C 167 2.72 19.36 -40.98
N VAL C 168 2.66 19.75 -39.72
CA VAL C 168 2.55 21.16 -39.34
C VAL C 168 3.95 21.77 -39.33
N PRO C 169 4.25 22.74 -40.18
CA PRO C 169 5.58 23.33 -40.20
C PRO C 169 5.77 24.31 -39.04
N TRP C 170 7.02 24.72 -38.84
CA TRP C 170 7.37 25.70 -37.82
C TRP C 170 7.34 27.08 -38.47
N ILE C 171 6.27 27.83 -38.22
CA ILE C 171 6.12 29.19 -38.71
C ILE C 171 5.94 30.11 -37.51
N SER C 172 6.98 30.87 -37.19
CA SER C 172 6.93 31.81 -36.08
C SER C 172 7.98 32.88 -36.30
N GLN C 173 7.93 33.92 -35.47
CA GLN C 173 8.95 34.95 -35.49
C GLN C 173 10.00 34.76 -34.41
N THR C 174 9.73 33.95 -33.40
CA THR C 174 10.70 33.60 -32.37
C THR C 174 11.21 32.19 -32.61
N ASN C 175 12.35 31.88 -32.00
CA ASN C 175 12.89 30.53 -32.11
C ASN C 175 12.12 29.54 -31.27
N TYR C 176 11.61 29.96 -30.13
CA TYR C 176 10.85 29.09 -29.23
C TYR C 176 9.49 29.70 -28.96
N ARG C 177 8.50 28.85 -28.75
CA ARG C 177 7.19 29.27 -28.29
C ARG C 177 7.05 28.89 -26.82
N TYR C 178 5.96 29.33 -26.20
CA TYR C 178 5.71 29.05 -24.80
C TYR C 178 4.72 27.91 -24.67
N VAL C 179 4.96 27.02 -23.70
CA VAL C 179 4.09 25.86 -23.52
C VAL C 179 2.75 26.30 -22.94
N THR C 180 2.77 26.96 -21.80
CA THR C 180 1.58 27.66 -21.33
C THR C 180 1.36 28.86 -22.22
N SER C 181 0.33 28.79 -23.07
CA SER C 181 0.23 29.67 -24.22
C SER C 181 -0.18 31.08 -23.80
N ASP C 182 0.47 32.06 -24.43
CA ASP C 182 0.15 33.47 -24.31
C ASP C 182 -0.20 34.00 -25.70
N ALA C 183 -0.58 35.28 -25.76
CA ALA C 183 -0.95 35.88 -27.03
C ALA C 183 0.23 36.16 -27.93
N TYR C 184 1.44 36.26 -27.37
CA TYR C 184 2.61 36.62 -28.18
C TYR C 184 3.13 35.46 -29.00
N THR C 185 2.94 34.22 -28.55
CA THR C 185 3.49 33.04 -29.22
C THR C 185 2.37 32.13 -29.71
N ASP C 186 1.35 32.72 -30.33
CA ASP C 186 0.23 31.96 -30.89
C ASP C 186 0.72 31.13 -32.08
N ALA C 187 0.26 29.89 -32.15
CA ALA C 187 0.74 28.96 -33.17
C ALA C 187 -0.29 28.65 -34.26
N GLY C 188 -1.56 28.94 -34.04
CA GLY C 188 -2.54 28.81 -35.09
C GLY C 188 -3.64 27.80 -34.83
N TYR C 189 -4.26 27.30 -35.90
CA TYR C 189 -5.46 26.47 -35.81
C TYR C 189 -5.32 25.27 -36.73
N ILE C 190 -5.98 24.17 -36.35
CA ILE C 190 -6.02 22.96 -37.15
C ILE C 190 -7.46 22.59 -37.39
N THR C 191 -7.89 22.60 -38.65
CA THR C 191 -9.25 22.25 -39.02
C THR C 191 -9.25 21.16 -40.07
N CYS C 192 -10.38 20.45 -40.18
CA CYS C 192 -10.55 19.40 -41.17
C CYS C 192 -11.93 19.51 -41.79
N TRP C 193 -11.99 19.34 -43.12
CA TRP C 193 -13.19 19.63 -43.89
C TRP C 193 -13.52 18.46 -44.82
N TYR C 194 -14.77 18.41 -45.24
CA TYR C 194 -15.21 17.42 -46.23
C TYR C 194 -14.83 17.91 -47.61
N GLN C 195 -13.93 17.18 -48.29
CA GLN C 195 -13.60 17.56 -49.66
C GLN C 195 -14.73 17.19 -50.61
N THR C 196 -15.15 15.91 -50.60
CA THR C 196 -16.40 15.56 -51.26
C THR C 196 -17.43 15.03 -50.26
N SER C 197 -17.27 13.81 -49.76
CA SER C 197 -18.29 13.10 -48.98
C SER C 197 -17.80 11.71 -48.63
N ILE C 198 -18.59 10.97 -47.85
CA ILE C 198 -18.44 9.52 -47.72
C ILE C 198 -19.51 8.88 -48.59
N VAL C 199 -19.11 8.02 -49.51
CA VAL C 199 -20.03 7.35 -50.42
C VAL C 199 -19.89 5.85 -50.23
N THR C 200 -20.93 5.22 -49.68
CA THR C 200 -20.92 3.82 -49.32
C THR C 200 -21.89 3.03 -50.19
N PRO C 201 -21.65 1.72 -50.38
CA PRO C 201 -22.69 0.86 -50.95
C PRO C 201 -23.79 0.60 -49.94
N PRO C 202 -24.91 -0.01 -50.35
CA PRO C 202 -25.97 -0.31 -49.37
C PRO C 202 -25.53 -1.37 -48.36
N ASP C 203 -26.32 -1.44 -47.28
CA ASP C 203 -26.10 -2.32 -46.12
C ASP C 203 -24.74 -2.07 -45.47
N ILE C 204 -24.49 -0.80 -45.16
CA ILE C 204 -23.29 -0.37 -44.44
C ILE C 204 -23.73 0.69 -43.43
N PRO C 205 -23.24 0.66 -42.18
CA PRO C 205 -23.64 1.66 -41.19
C PRO C 205 -23.18 3.06 -41.57
N THR C 206 -23.99 4.05 -41.18
CA THR C 206 -23.80 5.41 -41.67
C THR C 206 -22.61 6.09 -41.02
N THR C 207 -22.64 6.23 -39.69
CA THR C 207 -21.59 6.94 -38.98
C THR C 207 -20.34 6.09 -38.89
N SER C 208 -19.18 6.72 -39.10
CA SER C 208 -17.90 6.05 -39.10
C SER C 208 -16.94 6.73 -38.12
N THR C 209 -15.66 6.38 -38.17
CA THR C 209 -14.72 6.83 -37.15
C THR C 209 -13.34 7.05 -37.76
N ILE C 210 -12.76 8.22 -37.50
CA ILE C 210 -11.36 8.52 -37.77
C ILE C 210 -10.64 8.62 -36.43
N LEU C 211 -9.43 8.05 -36.36
CA LEU C 211 -8.54 8.27 -35.22
C LEU C 211 -7.41 9.20 -35.65
N CYS C 212 -7.02 10.10 -34.76
CA CYS C 212 -5.98 11.09 -35.01
C CYS C 212 -4.82 10.87 -34.07
N PHE C 213 -3.60 10.89 -34.60
CA PHE C 213 -2.38 10.63 -33.85
C PHE C 213 -1.45 11.82 -33.96
N VAL C 214 -0.76 12.16 -32.87
CA VAL C 214 0.19 13.27 -32.87
C VAL C 214 1.56 12.78 -32.41
N SER C 215 2.60 13.39 -32.98
CA SER C 215 3.98 13.14 -32.63
C SER C 215 4.80 14.37 -32.98
N ALA C 216 6.12 14.23 -32.99
CA ALA C 216 7.02 15.32 -33.30
C ALA C 216 8.00 14.91 -34.39
N CYS C 217 8.45 15.90 -35.16
CA CYS C 217 9.39 15.66 -36.25
C CYS C 217 10.82 15.59 -35.69
N ASN C 218 11.81 15.62 -36.58
CA ASN C 218 13.20 15.45 -36.17
C ASN C 218 13.92 16.76 -35.89
N ASP C 219 13.18 17.88 -35.81
CA ASP C 219 13.75 19.17 -35.44
C ASP C 219 13.12 19.73 -34.16
N PHE C 220 12.50 18.87 -33.36
CA PHE C 220 11.76 19.29 -32.18
C PHE C 220 12.66 19.32 -30.96
N SER C 221 12.47 20.34 -30.11
CA SER C 221 13.23 20.47 -28.88
C SER C 221 12.42 21.20 -27.83
N VAL C 222 12.87 21.11 -26.58
CA VAL C 222 12.24 21.76 -25.44
C VAL C 222 13.33 22.40 -24.59
N ARG C 223 12.91 23.27 -23.66
CA ARG C 223 13.83 24.08 -22.89
C ARG C 223 13.13 24.51 -21.61
N LEU C 224 13.91 24.98 -20.64
CA LEU C 224 13.42 25.51 -19.34
C LEU C 224 12.60 24.49 -18.56
N LEU C 225 13.31 23.50 -18.03
CA LEU C 225 12.74 22.53 -17.09
C LEU C 225 11.96 23.18 -15.96
N ARG C 226 10.78 22.62 -15.68
CA ARG C 226 9.94 23.08 -14.58
C ARG C 226 9.06 21.93 -14.14
N ASP C 227 8.33 22.15 -13.06
CA ASP C 227 7.44 21.13 -12.54
C ASP C 227 6.16 21.08 -13.36
N THR C 228 5.56 19.89 -13.41
CA THR C 228 4.34 19.75 -14.19
C THR C 228 3.14 20.28 -13.40
N PRO C 229 2.18 20.92 -14.07
CA PRO C 229 1.02 21.46 -13.35
C PRO C 229 -0.12 20.45 -13.25
N PHE C 230 0.15 19.19 -13.53
CA PHE C 230 -0.90 18.18 -13.61
C PHE C 230 -1.02 17.35 -12.34
N ILE C 231 0.08 17.09 -11.65
CA ILE C 231 0.05 16.27 -10.45
C ILE C 231 0.07 17.20 -9.24
N THR C 232 -0.57 16.76 -8.16
CA THR C 232 -0.72 17.58 -6.97
C THR C 232 -1.00 16.67 -5.78
N GLN C 233 -0.72 17.19 -4.58
CA GLN C 233 -1.04 16.49 -3.35
C GLN C 233 -1.14 17.51 -2.22
N GLN C 234 -1.88 17.14 -1.18
CA GLN C 234 -2.04 17.98 0.00
C GLN C 234 -1.14 17.53 1.14
N ALA C 235 -1.27 16.27 1.55
CA ALA C 235 -0.42 15.67 2.58
C ALA C 235 0.46 14.59 1.94
N LEU C 236 1.36 14.04 2.75
CA LEU C 236 2.22 12.97 2.28
C LEU C 236 1.45 11.68 2.15
N PHE C 237 1.79 10.88 1.14
CA PHE C 237 1.12 9.61 0.91
C PHE C 237 1.63 8.60 1.92
N GLN C 238 0.71 7.98 2.66
CA GLN C 238 1.07 7.00 3.67
C GLN C 238 0.74 5.58 3.22
C1 MYR D 1 46.60 15.08 -12.79
O1 MYR D 1 45.40 15.30 -12.54
C2 MYR D 1 47.58 14.87 -11.67
C3 MYR D 1 47.55 16.10 -10.77
C4 MYR D 1 47.98 17.32 -11.56
C5 MYR D 1 47.17 18.53 -11.14
C6 MYR D 1 47.37 18.84 -9.65
C7 MYR D 1 46.70 20.17 -9.32
C8 MYR D 1 46.94 20.55 -7.86
C9 MYR D 1 46.30 19.55 -6.92
C10 MYR D 1 44.78 19.55 -7.07
C11 MYR D 1 44.10 19.67 -5.71
C12 MYR D 1 44.49 18.52 -4.79
C13 MYR D 1 43.67 17.27 -5.06
C14 MYR D 1 43.99 16.20 -4.01
N GLY D 2 45.62 14.37 -13.41
CA GLY D 2 44.25 13.94 -13.68
C GLY D 2 43.34 15.10 -13.96
N ALA D 3 43.92 16.24 -14.32
CA ALA D 3 43.14 17.42 -14.64
C ALA D 3 42.49 17.23 -16.00
N GLN D 4 41.20 16.97 -16.00
CA GLN D 4 40.43 16.75 -17.22
C GLN D 4 39.88 18.09 -17.70
N VAL D 5 40.21 18.47 -18.93
CA VAL D 5 39.81 19.75 -19.50
C VAL D 5 38.79 19.48 -20.59
N SER D 6 37.53 19.78 -20.31
CA SER D 6 36.44 19.58 -21.26
C SER D 6 36.06 20.92 -21.88
N THR D 7 34.96 20.93 -22.62
CA THR D 7 34.44 22.12 -23.27
C THR D 7 33.16 22.55 -22.58
N GLN D 8 33.05 23.84 -22.27
CA GLN D 8 31.87 24.37 -21.61
C GLN D 8 30.70 24.46 -22.56
N LYS D 9 29.49 24.37 -22.00
CA LYS D 9 28.27 24.51 -22.78
C LYS D 9 28.04 25.98 -23.08
N THR D 10 28.07 26.34 -24.36
CA THR D 10 27.91 27.73 -24.77
C THR D 10 27.02 27.79 -25.99
N GLY D 11 26.60 29.02 -26.33
CA GLY D 11 25.68 29.21 -27.43
C GLY D 11 26.30 29.06 -28.79
N ALA D 12 25.48 29.28 -29.81
CA ALA D 12 25.89 29.20 -31.20
C ALA D 12 25.72 30.55 -31.87
N HIS D 13 25.92 30.59 -33.18
CA HIS D 13 25.78 31.83 -33.94
C HIS D 13 25.06 31.58 -35.25
N ILE D 24 39.18 29.59 -22.65
CA ILE D 24 38.20 30.58 -22.21
C ILE D 24 36.81 29.96 -22.33
N ILE D 25 36.72 28.87 -23.10
CA ILE D 25 35.49 28.09 -23.23
C ILE D 25 35.68 26.68 -22.66
N HIS D 26 36.66 26.50 -21.78
CA HIS D 26 36.98 25.22 -21.18
C HIS D 26 36.82 25.31 -19.67
N TYR D 27 36.89 24.15 -19.01
CA TYR D 27 36.88 24.10 -17.57
C TYR D 27 37.69 22.89 -17.11
N THR D 28 38.28 23.00 -15.93
CA THR D 28 39.15 21.98 -15.37
C THR D 28 38.42 21.27 -14.24
N ASN D 29 38.53 19.95 -14.21
CA ASN D 29 37.92 19.12 -13.17
C ASN D 29 38.95 18.18 -12.58
N ILE D 30 39.01 18.13 -11.25
CA ILE D 30 39.76 17.13 -10.52
C ILE D 30 38.75 16.23 -9.81
N ASN D 31 39.05 14.94 -9.72
CA ASN D 31 38.27 14.04 -8.88
C ASN D 31 38.99 13.90 -7.54
N TYR D 32 38.25 14.07 -6.45
CA TYR D 32 38.84 14.12 -5.12
C TYR D 32 38.66 12.84 -4.32
N TYR D 33 37.69 12.02 -4.67
CA TYR D 33 37.32 10.85 -3.88
C TYR D 33 37.59 9.58 -4.68
N LYS D 34 37.64 8.45 -3.97
CA LYS D 34 38.07 7.20 -4.57
C LYS D 34 36.94 6.39 -5.17
N ASP D 35 35.69 6.77 -4.92
CA ASP D 35 34.54 6.06 -5.42
C ASP D 35 33.95 6.80 -6.61
N SER D 36 33.54 6.05 -7.63
CA SER D 36 32.90 6.66 -8.79
C SER D 36 31.48 7.14 -8.51
N ALA D 37 30.86 6.69 -7.43
CA ALA D 37 29.58 7.21 -6.97
C ALA D 37 29.68 8.61 -6.40
N SER D 38 30.90 9.11 -6.17
CA SER D 38 31.13 10.41 -5.57
C SER D 38 31.37 11.51 -6.59
N ASN D 39 31.38 11.19 -7.88
CA ASN D 39 31.64 12.18 -8.92
C ASN D 39 30.43 13.10 -9.09
N SER D 40 30.59 14.08 -9.97
CA SER D 40 29.50 14.95 -10.35
C SER D 40 28.75 14.34 -11.53
N LEU D 41 27.71 15.03 -11.99
CA LEU D 41 26.81 14.48 -13.00
C LEU D 41 27.46 14.49 -14.37
N ASN D 42 26.95 13.62 -15.25
CA ASN D 42 27.39 13.58 -16.64
C ASN D 42 26.36 14.32 -17.48
N ARG D 43 26.52 15.64 -17.53
CA ARG D 43 25.52 16.51 -18.13
C ARG D 43 25.78 16.80 -19.61
N GLN D 44 26.84 16.23 -20.20
CA GLN D 44 27.24 16.58 -21.55
C GLN D 44 27.23 15.38 -22.49
N ASP D 45 26.30 14.45 -22.28
CA ASP D 45 26.14 13.29 -23.14
C ASP D 45 24.74 13.34 -23.73
N PHE D 46 24.64 13.66 -25.02
CA PHE D 46 23.36 13.83 -25.69
C PHE D 46 23.21 12.87 -26.87
N THR D 47 23.58 11.62 -26.69
CA THR D 47 23.38 10.62 -27.72
C THR D 47 21.97 10.04 -27.64
N GLN D 48 21.44 9.62 -28.80
CA GLN D 48 20.08 9.14 -28.88
C GLN D 48 19.89 8.32 -30.15
N ASP D 49 18.93 7.39 -30.08
CA ASP D 49 18.49 6.64 -31.26
C ASP D 49 17.05 6.21 -31.05
N PRO D 50 16.09 7.02 -31.50
CA PRO D 50 14.68 6.73 -31.26
C PRO D 50 14.08 5.67 -32.15
N SER D 51 14.87 4.98 -32.99
CA SER D 51 14.35 4.00 -33.91
C SER D 51 13.91 2.71 -33.22
N LYS D 52 14.26 2.51 -31.95
CA LYS D 52 13.75 1.39 -31.19
C LYS D 52 12.26 1.53 -30.92
N PHE D 53 11.79 2.76 -30.75
CA PHE D 53 10.40 3.02 -30.40
C PHE D 53 9.56 3.50 -31.56
N THR D 54 10.15 4.23 -32.51
CA THR D 54 9.40 4.80 -33.61
C THR D 54 9.38 3.92 -34.86
N GLU D 55 10.39 3.08 -35.07
CA GLU D 55 10.41 2.15 -36.20
C GLU D 55 10.79 0.74 -35.75
N PRO D 56 9.96 0.07 -34.91
CA PRO D 56 10.33 -1.25 -34.40
C PRO D 56 9.84 -2.40 -35.28
N VAL D 57 10.07 -2.29 -36.59
CA VAL D 57 9.50 -3.20 -37.55
C VAL D 57 10.56 -4.18 -38.02
N LYS D 58 10.13 -5.24 -38.70
CA LYS D 58 11.07 -6.26 -39.17
C LYS D 58 11.60 -5.96 -40.56
N ASP D 59 10.74 -5.54 -41.49
CA ASP D 59 11.16 -5.12 -42.81
C ASP D 59 11.15 -3.61 -42.87
N VAL D 60 12.17 -3.04 -43.51
CA VAL D 60 12.37 -1.60 -43.50
C VAL D 60 11.31 -0.93 -44.37
N MET D 61 10.67 0.09 -43.82
CA MET D 61 9.62 0.83 -44.52
C MET D 61 10.24 2.10 -45.10
N ILE D 62 10.32 2.16 -46.42
CA ILE D 62 10.83 3.36 -47.09
C ILE D 62 9.77 4.45 -47.00
N LYS D 63 10.22 5.69 -46.82
CA LYS D 63 9.33 6.81 -46.58
C LYS D 63 8.46 7.12 -47.80
N THR D 64 9.07 7.18 -48.98
CA THR D 64 8.34 7.54 -50.19
C THR D 64 7.55 6.40 -50.78
N LEU D 65 7.85 5.16 -50.42
CA LEU D 65 7.17 4.00 -50.96
C LEU D 65 5.79 3.83 -50.30
N PRO D 66 4.90 3.04 -50.92
CA PRO D 66 3.70 2.62 -50.20
C PRO D 66 4.04 1.72 -49.02
N ALA D 67 3.16 1.74 -48.02
CA ALA D 67 3.41 0.97 -46.80
C ALA D 67 2.93 -0.46 -46.89
N LEU D 68 2.04 -0.77 -47.82
CA LEU D 68 1.47 -2.12 -47.92
C LEU D 68 1.68 -2.70 -49.31
N ASP E 1 -21.14 7.63 18.83
CA ASP E 1 -19.85 8.28 18.64
C ASP E 1 -19.40 9.00 19.91
N ILE E 2 -18.15 8.79 20.33
CA ILE E 2 -17.18 7.92 19.66
C ILE E 2 -16.52 6.98 20.65
N GLU E 3 -16.86 5.69 20.56
CA GLU E 3 -16.33 4.66 21.45
C GLU E 3 -15.50 3.68 20.63
N LEU E 4 -14.51 3.07 21.27
CA LEU E 4 -13.54 2.21 20.60
C LEU E 4 -13.24 1.00 21.45
N THR E 5 -13.43 -0.20 20.89
CA THR E 5 -13.07 -1.44 21.56
C THR E 5 -12.75 -2.50 20.52
N GLN E 6 -12.36 -3.67 21.02
CA GLN E 6 -12.09 -4.81 20.14
C GLN E 6 -13.36 -5.32 19.51
N SER E 7 -13.23 -5.97 18.35
CA SER E 7 -14.41 -6.47 17.65
C SER E 7 -15.01 -7.74 18.25
N PRO E 8 -14.25 -8.86 18.50
CA PRO E 8 -14.91 -10.00 19.13
C PRO E 8 -14.84 -9.96 20.65
N ALA E 9 -15.98 -10.22 21.32
CA ALA E 9 -15.98 -10.15 22.78
C ALA E 9 -15.31 -11.38 23.39
N ILE E 10 -15.89 -12.57 23.17
CA ILE E 10 -15.37 -13.81 23.74
C ILE E 10 -15.20 -14.83 22.63
N MET E 11 -13.95 -15.23 22.40
CA MET E 11 -13.62 -16.27 21.43
C MET E 11 -13.09 -17.50 22.15
N SER E 12 -12.75 -18.51 21.37
CA SER E 12 -12.23 -19.77 21.88
C SER E 12 -11.40 -20.44 20.78
N ALA E 13 -10.20 -20.90 21.15
CA ALA E 13 -9.28 -21.53 20.22
C ALA E 13 -8.43 -22.56 20.94
N SER E 14 -8.18 -23.67 20.26
CA SER E 14 -7.34 -24.75 20.74
C SER E 14 -5.89 -24.52 20.34
N PRO E 15 -4.93 -25.07 21.08
CA PRO E 15 -3.53 -24.99 20.65
C PRO E 15 -3.29 -25.85 19.42
N GLY E 16 -3.14 -25.18 18.27
CA GLY E 16 -3.02 -25.84 16.98
C GLY E 16 -3.77 -25.16 15.85
N GLU E 17 -4.48 -24.08 16.12
CA GLU E 17 -5.27 -23.36 15.11
C GLU E 17 -4.77 -21.93 14.94
N LYS E 18 -5.52 -21.17 14.15
CA LYS E 18 -5.21 -19.77 13.88
C LYS E 18 -5.89 -18.86 14.89
N VAL E 19 -5.17 -17.81 15.30
CA VAL E 19 -5.72 -16.75 16.14
C VAL E 19 -5.50 -15.43 15.42
N THR E 20 -6.51 -15.00 14.67
CA THR E 20 -6.47 -13.74 13.93
C THR E 20 -7.34 -12.72 14.66
N MET E 21 -6.81 -11.51 14.82
CA MET E 21 -7.40 -10.51 15.71
C MET E 21 -8.00 -9.38 14.88
N THR E 22 -9.03 -8.74 15.43
CA THR E 22 -9.70 -7.60 14.81
C THR E 22 -10.16 -6.64 15.89
N CYS E 23 -9.85 -5.36 15.72
CA CYS E 23 -10.18 -4.34 16.70
C CYS E 23 -10.79 -3.14 16.00
N SER E 24 -11.20 -2.15 16.78
CA SER E 24 -11.78 -0.92 16.26
C SER E 24 -11.29 0.27 17.08
N ALA E 25 -10.99 1.38 16.40
CA ALA E 25 -10.53 2.60 17.05
C ALA E 25 -11.38 3.76 16.56
N SER E 26 -11.61 4.75 17.43
CA SER E 26 -12.41 5.90 17.07
C SER E 26 -11.62 6.96 16.31
N SER E 27 -10.30 6.81 16.22
CA SER E 27 -9.47 7.78 15.52
C SER E 27 -8.36 7.04 14.80
N SER E 28 -7.81 7.68 13.77
CA SER E 28 -6.79 7.04 12.94
C SER E 28 -5.46 6.95 13.68
N LEU E 29 -4.57 6.10 13.16
CA LEU E 29 -3.27 5.89 13.79
C LEU E 29 -2.17 5.70 12.76
N ARG E 30 -0.92 5.70 13.22
CA ARG E 30 0.24 5.44 12.39
C ARG E 30 1.00 4.25 12.96
N TYR E 31 1.02 4.17 14.29
CA TYR E 31 1.52 2.98 14.96
C TYR E 31 0.39 2.31 15.73
N MET E 32 0.65 1.09 16.21
CA MET E 32 -0.33 0.27 16.87
C MET E 32 0.37 -0.71 17.78
N HIS E 33 -0.12 -0.82 19.01
CA HIS E 33 0.48 -1.68 20.01
C HIS E 33 -0.48 -2.78 20.42
N TRP E 34 0.07 -3.96 20.64
CA TRP E 34 -0.72 -5.13 21.00
C TRP E 34 -0.17 -5.75 22.27
N TYR E 35 -1.06 -6.15 23.17
CA TYR E 35 -0.68 -6.63 24.50
C TYR E 35 -1.32 -7.97 24.78
N GLN E 36 -1.04 -8.50 25.97
CA GLN E 36 -1.55 -9.80 26.41
C GLN E 36 -1.76 -9.77 27.92
N GLN E 37 -3.03 -9.84 28.33
CA GLN E 37 -3.41 -9.75 29.74
C GLN E 37 -3.87 -11.12 30.22
N LYS E 38 -3.05 -11.76 31.06
CA LYS E 38 -3.36 -13.05 31.66
C LYS E 38 -4.07 -12.85 32.99
N SER E 39 -4.90 -13.83 33.35
CA SER E 39 -5.64 -13.76 34.60
C SER E 39 -4.73 -14.06 35.79
N GLY E 40 -4.46 -13.03 36.59
CA GLY E 40 -3.65 -13.18 37.78
C GLY E 40 -2.59 -12.13 37.99
N THR E 41 -1.96 -11.63 36.92
CA THR E 41 -0.95 -10.59 37.01
C THR E 41 -1.25 -9.50 36.00
N SER E 42 -0.39 -8.49 35.96
CA SER E 42 -0.53 -7.38 35.02
C SER E 42 -0.29 -7.86 33.59
N PRO E 43 -0.81 -7.11 32.59
CA PRO E 43 -0.51 -7.46 31.20
C PRO E 43 0.93 -7.16 30.83
N LYS E 44 1.31 -7.54 29.62
CA LYS E 44 2.66 -7.34 29.13
C LYS E 44 2.63 -6.83 27.70
N ARG E 45 3.78 -6.37 27.23
CA ARG E 45 3.87 -5.77 25.91
C ARG E 45 4.37 -6.79 24.90
N TRP E 46 3.65 -6.92 23.78
CA TRP E 46 3.92 -7.98 22.82
C TRP E 46 4.35 -7.43 21.46
N ILE E 47 3.72 -6.37 20.97
CA ILE E 47 4.02 -5.81 19.65
C ILE E 47 4.00 -4.29 19.77
N TYR E 48 5.08 -3.64 19.35
CA TYR E 48 5.08 -2.19 19.17
C TYR E 48 5.50 -1.89 17.74
N ASP E 49 5.14 -0.67 17.28
CA ASP E 49 5.42 -0.16 15.93
C ASP E 49 4.82 -1.05 14.84
N THR E 50 3.73 -1.71 15.18
CA THR E 50 2.82 -2.59 14.38
C THR E 50 3.51 -3.92 14.06
N TYR E 51 4.82 -4.07 14.21
CA TYR E 51 5.39 -5.37 13.87
C TYR E 51 6.58 -5.79 14.73
N ASN E 52 7.22 -4.86 15.45
CA ASN E 52 8.66 -4.93 15.68
C ASN E 52 9.07 -6.12 16.54
N LEU E 53 8.74 -6.11 17.83
CA LEU E 53 9.30 -7.09 18.76
C LEU E 53 8.64 -7.09 20.12
N ALA E 54 9.20 -7.91 21.02
CA ALA E 54 9.00 -7.81 22.46
C ALA E 54 10.17 -8.51 23.13
N SER E 55 10.12 -8.59 24.46
CA SER E 55 11.18 -9.27 25.19
C SER E 55 10.98 -10.78 25.18
N GLY E 56 9.78 -11.24 25.52
CA GLY E 56 9.57 -12.68 25.69
C GLY E 56 8.66 -13.28 24.65
N VAL E 57 8.23 -12.50 23.67
CA VAL E 57 7.30 -12.99 22.65
C VAL E 57 8.04 -13.89 21.67
N PRO E 58 7.48 -15.06 21.33
CA PRO E 58 8.16 -15.96 20.38
C PRO E 58 8.01 -15.51 18.94
N VAL E 59 8.54 -16.31 18.00
CA VAL E 59 8.54 -15.94 16.59
C VAL E 59 7.18 -16.13 15.92
N ARG E 60 6.28 -16.90 16.54
CA ARG E 60 4.99 -17.19 15.91
C ARG E 60 4.01 -16.04 15.99
N PHE E 61 4.25 -15.06 16.86
CA PHE E 61 3.36 -13.92 16.97
C PHE E 61 3.62 -12.93 15.83
N SER E 62 2.54 -12.35 15.32
CA SER E 62 2.61 -11.33 14.28
C SER E 62 1.55 -10.29 14.56
N GLY E 63 1.67 -9.15 13.91
CA GLY E 63 0.73 -8.06 14.11
C GLY E 63 0.71 -7.09 12.95
N SER E 64 -0.37 -6.34 12.87
CA SER E 64 -0.53 -5.23 11.94
C SER E 64 -1.67 -4.35 12.43
N GLY E 65 -2.10 -3.42 11.58
CA GLY E 65 -3.21 -2.54 11.91
C GLY E 65 -2.91 -1.08 11.65
N SER E 66 -3.74 -0.41 10.87
CA SER E 66 -3.51 0.98 10.52
C SER E 66 -4.84 1.73 10.50
N GLY E 67 -4.90 2.84 11.22
CA GLY E 67 -6.07 3.69 11.19
C GLY E 67 -7.13 3.35 12.22
N THR E 68 -8.17 2.63 11.78
CA THR E 68 -9.31 2.31 12.62
C THR E 68 -9.58 0.82 12.76
N SER E 69 -8.64 -0.05 12.41
CA SER E 69 -8.82 -1.50 12.50
C SER E 69 -7.45 -2.14 12.70
N TYR E 70 -7.32 -2.92 13.77
CA TYR E 70 -6.06 -3.57 14.14
C TYR E 70 -6.12 -5.06 13.87
N SER E 71 -4.94 -5.69 13.86
CA SER E 71 -4.83 -7.11 13.59
C SER E 71 -3.54 -7.65 14.20
N LEU E 72 -3.66 -8.40 15.29
CA LEU E 72 -2.52 -9.03 15.94
C LEU E 72 -2.66 -10.55 15.83
N THR E 73 -2.17 -11.10 14.72
CA THR E 73 -2.47 -12.47 14.31
C THR E 73 -1.40 -13.43 14.81
N ILE E 74 -1.83 -14.52 15.44
CA ILE E 74 -0.96 -15.60 15.87
C ILE E 74 -1.07 -16.72 14.85
N SER E 75 0.08 -17.16 14.32
CA SER E 75 0.08 -18.15 13.25
C SER E 75 -0.19 -19.56 13.80
N SER E 76 0.18 -19.81 15.05
CA SER E 76 -0.05 -21.11 15.66
C SER E 76 -0.18 -20.95 17.17
N MET E 77 -1.31 -21.39 17.72
CA MET E 77 -1.55 -21.27 19.15
C MET E 77 -0.86 -22.41 19.89
N GLU E 78 -0.31 -22.11 21.06
CA GLU E 78 0.20 -23.11 21.98
C GLU E 78 -0.50 -22.97 23.33
N ALA E 79 -0.02 -23.73 24.31
CA ALA E 79 -0.64 -23.73 25.63
C ALA E 79 -0.36 -22.47 26.42
N GLU E 80 0.67 -21.71 26.04
CA GLU E 80 1.01 -20.48 26.74
C GLU E 80 0.35 -19.25 26.13
N ASP E 81 -0.68 -19.42 25.31
CA ASP E 81 -1.30 -18.30 24.60
C ASP E 81 -2.73 -18.02 25.04
N ALA E 82 -2.99 -18.02 26.34
CA ALA E 82 -4.34 -17.75 26.83
C ALA E 82 -4.38 -16.43 27.60
N ALA E 83 -4.61 -15.32 26.90
CA ALA E 83 -4.61 -14.01 27.51
C ALA E 83 -5.54 -13.09 26.73
N THR E 84 -5.87 -11.97 27.35
CA THR E 84 -6.72 -10.96 26.73
C THR E 84 -5.86 -9.89 26.08
N TYR E 85 -6.26 -9.44 24.89
CA TYR E 85 -5.45 -8.55 24.07
C TYR E 85 -6.18 -7.22 23.87
N TYR E 86 -5.49 -6.13 24.17
CA TYR E 86 -6.02 -4.78 24.00
C TYR E 86 -5.07 -3.97 23.13
N CYS E 87 -5.52 -2.80 22.68
CA CYS E 87 -4.73 -1.97 21.80
C CYS E 87 -4.12 -0.78 22.54
N GLN E 88 -3.51 0.13 21.79
CA GLN E 88 -2.98 1.38 22.32
C GLN E 88 -2.83 2.40 21.20
N GLN E 89 -3.04 3.68 21.54
CA GLN E 89 -2.85 4.79 20.61
C GLN E 89 -2.73 6.07 21.43
N TRP E 90 -1.60 6.75 21.27
CA TRP E 90 -1.32 7.98 22.02
C TRP E 90 -1.83 9.19 21.26
N SER E 91 -2.43 10.11 22.01
CA SER E 91 -3.15 11.28 21.51
C SER E 91 -3.16 12.26 22.70
N SER E 92 -3.58 13.54 22.57
CA SER E 92 -4.65 14.25 21.80
C SER E 92 -6.00 13.55 21.95
N ASN E 93 -6.40 13.30 23.22
CA ASN E 93 -7.50 12.42 23.63
C ASN E 93 -7.30 11.00 23.13
N PRO E 94 -6.44 10.20 23.78
CA PRO E 94 -6.33 8.76 23.45
C PRO E 94 -7.69 8.07 23.53
N PRO E 95 -7.96 7.12 22.63
CA PRO E 95 -9.32 6.98 22.05
C PRO E 95 -10.50 6.77 23.02
N THR E 96 -10.49 5.87 24.03
CA THR E 96 -9.46 4.96 24.53
C THR E 96 -9.47 3.63 23.82
N PHE E 97 -8.54 2.76 24.19
CA PHE E 97 -8.44 1.44 23.57
C PHE E 97 -9.50 0.50 24.13
N GLY E 98 -9.45 -0.75 23.68
CA GLY E 98 -10.40 -1.74 24.12
C GLY E 98 -10.18 -2.21 25.55
N ALA E 99 -11.08 -3.08 26.00
CA ALA E 99 -10.98 -3.65 27.34
C ALA E 99 -10.20 -4.95 27.37
N GLY E 100 -9.92 -5.54 26.21
CA GLY E 100 -9.26 -6.82 26.14
C GLY E 100 -10.13 -7.86 25.43
N THR E 101 -9.48 -8.61 24.54
CA THR E 101 -10.15 -9.60 23.71
C THR E 101 -10.01 -10.96 24.38
N LYS E 102 -11.08 -11.43 25.00
CA LYS E 102 -11.04 -12.64 25.82
C LYS E 102 -10.98 -13.87 24.91
N LEU E 103 -10.30 -14.91 25.39
CA LEU E 103 -10.21 -16.18 24.68
C LEU E 103 -9.94 -17.29 25.69
N GLU E 104 -10.39 -18.50 25.37
CA GLU E 104 -10.17 -19.67 26.20
C GLU E 104 -9.65 -20.82 25.36
N LEU E 105 -8.87 -21.70 25.99
CA LEU E 105 -8.31 -22.86 25.32
C LEU E 105 -9.38 -23.91 25.08
N LYS E 106 -9.40 -24.47 23.88
CA LYS E 106 -10.44 -25.39 23.46
C LYS E 106 -9.98 -26.83 23.58
N ARG E 107 -10.86 -27.68 24.09
CA ARG E 107 -10.66 -29.12 24.17
C ARG E 107 -12.04 -29.76 24.05
N ALA E 108 -12.17 -31.04 24.41
CA ALA E 108 -13.45 -31.72 24.36
C ALA E 108 -14.41 -31.13 25.39
N ASP E 109 -15.67 -30.98 25.00
CA ASP E 109 -16.65 -30.29 25.84
C ASP E 109 -17.05 -31.17 27.02
N ALA E 110 -17.03 -30.58 28.20
CA ALA E 110 -17.24 -31.30 29.45
C ALA E 110 -18.64 -31.04 29.98
N ALA E 111 -19.28 -32.10 30.50
CA ALA E 111 -20.57 -32.11 31.19
C ALA E 111 -20.36 -32.09 32.70
N PRO E 112 -21.06 -31.22 33.42
CA PRO E 112 -20.76 -31.03 34.84
C PRO E 112 -21.53 -32.01 35.72
N THR E 113 -21.30 -31.88 37.02
CA THR E 113 -22.09 -32.55 38.06
C THR E 113 -22.70 -31.45 38.91
N VAL E 114 -23.80 -31.77 39.62
CA VAL E 114 -24.48 -30.79 40.45
C VAL E 114 -24.73 -31.41 41.82
N SER E 115 -24.21 -30.75 42.86
CA SER E 115 -24.31 -31.23 44.24
C SER E 115 -24.95 -30.15 45.09
N ILE E 116 -26.11 -30.47 45.67
CA ILE E 116 -26.84 -29.57 46.54
C ILE E 116 -26.42 -29.83 47.98
N PHE E 117 -25.99 -28.77 48.67
CA PHE E 117 -25.60 -28.86 50.08
C PHE E 117 -26.69 -28.15 50.87
N PRO E 118 -27.47 -28.86 51.68
CA PRO E 118 -28.62 -28.24 52.35
C PRO E 118 -28.16 -27.35 53.50
N PRO E 119 -28.97 -26.35 53.86
CA PRO E 119 -28.59 -25.47 54.98
C PRO E 119 -28.65 -26.21 56.31
N SER E 120 -27.57 -26.08 57.08
CA SER E 120 -27.48 -26.77 58.36
C SER E 120 -28.14 -25.97 59.47
N SER E 121 -27.92 -26.41 60.71
CA SER E 121 -28.52 -25.76 61.86
C SER E 121 -27.82 -24.46 62.23
N GLU E 122 -26.58 -24.26 61.78
CA GLU E 122 -25.82 -23.08 62.18
C GLU E 122 -26.26 -21.84 61.39
N GLN E 123 -26.84 -22.05 60.20
CA GLN E 123 -27.31 -20.91 59.42
C GLN E 123 -28.72 -20.52 59.80
N LEU E 124 -29.57 -21.51 60.11
CA LEU E 124 -30.97 -21.22 60.44
C LEU E 124 -31.10 -20.65 61.85
N THR E 125 -30.11 -20.89 62.71
CA THR E 125 -30.12 -20.33 64.06
C THR E 125 -29.81 -18.84 64.00
N SER E 126 -28.80 -18.46 63.22
CA SER E 126 -28.37 -17.08 63.10
C SER E 126 -29.38 -16.19 62.40
N GLY E 127 -30.19 -16.73 61.49
CA GLY E 127 -31.17 -15.96 60.76
C GLY E 127 -30.96 -15.89 59.26
N GLY E 128 -30.32 -16.89 58.65
CA GLY E 128 -30.08 -16.89 57.22
C GLY E 128 -30.59 -18.18 56.59
N ALA E 129 -30.58 -18.19 55.25
CA ALA E 129 -31.00 -19.35 54.49
C ALA E 129 -30.38 -19.26 53.10
N SER E 130 -29.67 -20.30 52.68
CA SER E 130 -29.04 -20.36 51.38
C SER E 130 -28.94 -21.81 50.92
N VAL E 131 -29.68 -22.16 49.87
CA VAL E 131 -29.61 -23.47 49.25
C VAL E 131 -28.69 -23.36 48.04
N VAL E 132 -27.67 -24.21 47.98
CA VAL E 132 -26.61 -24.09 47.01
C VAL E 132 -26.66 -25.28 46.06
N CYS E 133 -26.04 -25.13 44.89
CA CYS E 133 -25.72 -26.23 43.98
C CYS E 133 -24.58 -25.79 43.07
N PHE E 134 -23.54 -26.61 43.01
CA PHE E 134 -22.26 -26.24 42.42
C PHE E 134 -22.11 -26.99 41.10
N LEU E 135 -22.02 -26.24 40.01
CA LEU E 135 -21.79 -26.81 38.68
C LEU E 135 -20.31 -26.68 38.35
N ASN E 136 -19.58 -27.80 38.49
CA ASN E 136 -18.13 -27.79 38.37
C ASN E 136 -17.71 -28.70 37.22
N ASN E 137 -16.54 -28.40 36.64
CA ASN E 137 -15.91 -29.16 35.55
C ASN E 137 -16.80 -29.28 34.32
N PHE E 138 -17.12 -28.14 33.69
CA PHE E 138 -17.90 -28.12 32.47
C PHE E 138 -17.16 -27.32 31.41
N TYR E 139 -17.67 -27.40 30.18
CA TYR E 139 -17.13 -26.70 29.02
C TYR E 139 -18.18 -26.79 27.92
N PRO E 140 -18.49 -25.69 27.20
CA PRO E 140 -18.01 -24.31 27.30
C PRO E 140 -18.64 -23.51 28.43
N LYS E 141 -18.55 -22.18 28.32
CA LYS E 141 -18.92 -21.31 29.43
C LYS E 141 -20.44 -21.26 29.63
N ASP E 142 -21.19 -21.21 28.54
CA ASP E 142 -22.61 -20.92 28.61
C ASP E 142 -23.43 -22.07 29.20
N ILE E 143 -24.16 -21.77 30.29
CA ILE E 143 -25.12 -22.68 30.91
C ILE E 143 -26.38 -21.88 31.26
N ASN E 144 -27.52 -22.38 30.80
CA ASN E 144 -28.80 -21.93 31.31
C ASN E 144 -29.12 -22.67 32.61
N VAL E 145 -29.33 -21.89 33.67
CA VAL E 145 -29.62 -22.44 34.99
C VAL E 145 -30.99 -21.93 35.41
N LYS E 146 -31.65 -22.64 36.33
CA LYS E 146 -32.96 -22.28 36.82
C LYS E 146 -33.19 -22.84 38.21
N TRP E 147 -33.90 -22.09 39.03
CA TRP E 147 -34.24 -22.48 40.39
C TRP E 147 -35.74 -22.81 40.48
N LYS E 148 -36.05 -24.07 40.74
CA LYS E 148 -37.42 -24.56 40.81
C LYS E 148 -37.67 -25.16 42.18
N ILE E 149 -38.71 -24.69 42.87
CA ILE E 149 -39.10 -25.20 44.18
C ILE E 149 -40.58 -25.58 44.15
N ASP E 150 -40.84 -26.86 44.44
CA ASP E 150 -42.19 -27.45 44.54
C ASP E 150 -42.95 -27.35 43.21
N GLY E 151 -42.20 -27.23 42.10
CA GLY E 151 -42.78 -27.13 40.78
C GLY E 151 -42.61 -25.79 40.09
N SER E 152 -42.75 -24.67 40.80
CA SER E 152 -42.70 -23.36 40.19
C SER E 152 -41.28 -22.80 40.26
N GLU E 153 -41.02 -21.77 39.45
CA GLU E 153 -39.67 -21.25 39.25
C GLU E 153 -39.45 -20.02 40.12
N ARG E 154 -38.18 -19.72 40.37
CA ARG E 154 -37.77 -18.58 41.17
C ARG E 154 -36.48 -18.00 40.60
N GLN E 155 -36.45 -16.68 40.45
CA GLN E 155 -35.26 -16.01 39.93
C GLN E 155 -34.78 -14.86 40.81
N ASN E 156 -35.47 -14.54 41.91
CA ASN E 156 -34.97 -13.50 42.80
C ASN E 156 -33.80 -14.00 43.63
N GLY E 157 -32.83 -13.12 43.87
CA GLY E 157 -31.70 -13.42 44.74
C GLY E 157 -30.69 -14.40 44.19
N VAL E 158 -30.77 -14.76 42.91
CA VAL E 158 -29.93 -15.80 42.34
C VAL E 158 -28.54 -15.24 42.08
N LEU E 159 -27.56 -16.13 41.98
CA LEU E 159 -26.16 -15.76 41.79
C LEU E 159 -25.57 -16.57 40.65
N ASN E 160 -24.60 -15.99 39.95
CA ASN E 160 -23.83 -16.68 38.93
C ASN E 160 -22.38 -16.29 39.09
N SER E 161 -21.63 -17.07 39.86
CA SER E 161 -20.21 -16.84 40.07
C SER E 161 -19.42 -17.72 39.12
N TRP E 162 -18.31 -17.19 38.63
CA TRP E 162 -17.57 -17.80 37.53
C TRP E 162 -16.11 -17.95 37.90
N THR E 163 -15.63 -19.20 37.95
CA THR E 163 -14.20 -19.42 38.05
C THR E 163 -13.53 -19.08 36.72
N ASP E 164 -12.22 -18.88 36.77
CA ASP E 164 -11.45 -18.60 35.58
C ASP E 164 -11.13 -19.89 34.84
N GLN E 165 -10.28 -19.77 33.82
CA GLN E 165 -9.83 -20.97 33.12
C GLN E 165 -8.80 -21.70 33.97
N ASP E 166 -8.94 -23.02 34.05
CA ASP E 166 -8.07 -23.81 34.92
C ASP E 166 -6.70 -24.00 34.29
N SER E 167 -5.72 -24.32 35.12
CA SER E 167 -4.36 -24.57 34.64
C SER E 167 -4.09 -26.06 34.39
N LYS E 168 -4.96 -26.95 34.89
CA LYS E 168 -4.75 -28.38 34.77
C LYS E 168 -5.71 -28.99 33.75
N ASP E 169 -7.00 -28.67 33.83
CA ASP E 169 -7.97 -29.20 32.88
C ASP E 169 -8.54 -28.15 31.95
N SER E 170 -8.37 -26.86 32.28
CA SER E 170 -8.85 -25.71 31.49
C SER E 170 -10.36 -25.78 31.27
N THR E 171 -11.09 -26.20 32.30
CA THR E 171 -12.54 -26.19 32.33
C THR E 171 -13.00 -25.12 33.32
N TYR E 172 -14.31 -25.00 33.48
CA TYR E 172 -14.90 -23.99 34.36
C TYR E 172 -15.67 -24.65 35.48
N SER E 173 -15.94 -23.88 36.53
CA SER E 173 -16.74 -24.30 37.67
C SER E 173 -17.61 -23.14 38.13
N MET E 174 -18.92 -23.36 38.16
CA MET E 174 -19.89 -22.30 38.43
C MET E 174 -20.63 -22.60 39.72
N SER E 175 -20.91 -21.56 40.49
CA SER E 175 -21.76 -21.64 41.67
C SER E 175 -23.11 -21.01 41.37
N SER E 176 -24.17 -21.80 41.52
CA SER E 176 -25.53 -21.31 41.29
C SER E 176 -26.27 -21.32 42.61
N THR E 177 -26.38 -20.15 43.23
CA THR E 177 -26.91 -20.00 44.58
C THR E 177 -28.00 -18.94 44.57
N LEU E 178 -29.03 -19.13 45.39
CA LEU E 178 -29.99 -18.07 45.71
C LEU E 178 -29.92 -17.86 47.22
N THR E 179 -30.39 -16.70 47.69
CA THR E 179 -30.50 -16.42 49.12
C THR E 179 -31.98 -16.45 49.48
N LEU E 180 -32.29 -16.90 50.69
CA LEU E 180 -33.66 -16.97 51.18
C LEU E 180 -33.75 -16.37 52.58
N THR E 181 -34.90 -16.54 53.21
CA THR E 181 -35.17 -16.12 54.58
C THR E 181 -35.54 -17.35 55.40
N LYS E 182 -35.52 -17.21 56.73
CA LYS E 182 -35.70 -18.35 57.62
C LYS E 182 -37.12 -18.93 57.54
N ASP E 183 -38.10 -18.09 57.21
CA ASP E 183 -39.45 -18.61 56.97
C ASP E 183 -39.70 -18.79 55.48
N GLU E 184 -38.82 -18.25 54.64
CA GLU E 184 -38.93 -18.48 53.21
C GLU E 184 -38.49 -19.89 52.85
N TYR E 185 -37.56 -20.44 53.62
CA TYR E 185 -37.13 -21.83 53.44
C TYR E 185 -38.07 -22.78 54.16
N GLU E 186 -38.87 -22.26 55.10
CA GLU E 186 -39.88 -23.07 55.78
C GLU E 186 -41.27 -22.97 55.16
N ARG E 187 -41.39 -22.71 53.86
CA ARG E 187 -42.68 -22.85 53.20
C ARG E 187 -42.61 -23.54 51.84
N HIS E 188 -41.54 -24.30 51.58
CA HIS E 188 -41.40 -25.11 50.37
C HIS E 188 -40.71 -26.42 50.73
N ASN E 189 -40.85 -27.42 49.86
CA ASN E 189 -40.42 -28.77 50.19
C ASN E 189 -39.24 -29.27 49.36
N SER E 190 -39.36 -29.28 48.04
CA SER E 190 -38.38 -29.92 47.16
C SER E 190 -37.54 -28.85 46.46
N TYR E 191 -36.28 -28.71 46.88
CA TYR E 191 -35.37 -27.72 46.34
C TYR E 191 -34.39 -28.38 45.38
N THR E 192 -34.55 -28.11 44.08
CA THR E 192 -33.79 -28.81 43.04
C THR E 192 -33.02 -27.82 42.19
N CYS E 193 -32.07 -28.34 41.40
CA CYS E 193 -31.35 -27.57 40.39
C CYS E 193 -31.18 -28.38 39.12
N GLU E 194 -31.51 -27.77 37.99
CA GLU E 194 -31.27 -28.35 36.68
C GLU E 194 -30.32 -27.46 35.91
N ALA E 195 -29.28 -28.07 35.32
CA ALA E 195 -28.26 -27.36 34.58
C ALA E 195 -28.35 -27.72 33.11
N THR E 196 -28.90 -26.81 32.30
CA THR E 196 -29.21 -27.09 30.91
C THR E 196 -28.00 -26.76 30.04
N HIS E 197 -27.62 -27.73 29.21
CA HIS E 197 -26.42 -27.62 28.39
C HIS E 197 -26.67 -28.37 27.08
N LYS E 198 -25.80 -28.14 26.11
CA LYS E 198 -25.97 -28.73 24.79
C LYS E 198 -25.28 -30.08 24.68
N THR E 199 -24.45 -30.43 25.68
CA THR E 199 -23.79 -31.73 25.69
C THR E 199 -24.79 -32.84 26.00
N SER E 200 -25.52 -32.71 27.10
CA SER E 200 -26.51 -33.72 27.46
C SER E 200 -27.88 -33.33 26.91
N THR E 201 -28.75 -34.34 26.80
CA THR E 201 -30.12 -34.07 26.35
C THR E 201 -30.94 -33.43 27.46
N SER E 202 -31.08 -34.11 28.60
CA SER E 202 -31.83 -33.59 29.73
C SER E 202 -30.88 -33.08 30.82
N PRO E 203 -31.22 -31.96 31.46
CA PRO E 203 -30.39 -31.45 32.55
C PRO E 203 -30.46 -32.35 33.77
N ILE E 204 -29.32 -32.44 34.46
CA ILE E 204 -29.15 -33.37 35.58
C ILE E 204 -29.89 -32.83 36.80
N VAL E 205 -30.65 -33.70 37.47
CA VAL E 205 -31.52 -33.33 38.58
C VAL E 205 -31.08 -34.05 39.85
N LYS E 206 -30.92 -33.28 40.93
CA LYS E 206 -30.77 -33.83 42.27
C LYS E 206 -31.80 -33.19 43.17
N SER E 207 -32.49 -34.01 43.96
CA SER E 207 -33.63 -33.54 44.74
C SER E 207 -33.44 -33.92 46.20
N PHE E 208 -33.98 -33.08 47.08
CA PHE E 208 -34.07 -33.41 48.50
C PHE E 208 -35.29 -32.71 49.07
N ASN E 209 -35.72 -33.17 50.25
CA ASN E 209 -36.91 -32.63 50.89
C ASN E 209 -36.60 -32.17 52.31
N ARG E 210 -37.59 -31.53 52.94
CA ARG E 210 -37.39 -30.93 54.25
C ARG E 210 -37.90 -31.84 55.37
N ASN E 211 -38.69 -32.85 55.04
CA ASN E 211 -39.34 -33.68 56.05
C ASN E 211 -38.44 -34.80 56.57
N GLU E 212 -37.12 -34.66 56.41
CA GLU E 212 -36.16 -35.63 56.90
C GLU E 212 -35.00 -34.90 57.57
N CYS E 213 -34.60 -35.39 58.74
CA CYS E 213 -33.42 -34.87 59.44
C CYS E 213 -32.59 -36.03 60.00
N GLN F 1 16.93 -4.66 36.08
CA GLN F 1 15.48 -4.83 36.24
C GLN F 1 14.88 -3.62 36.94
N VAL F 2 13.73 -3.16 36.44
CA VAL F 2 13.04 -2.04 37.07
C VAL F 2 12.39 -2.50 38.36
N GLN F 3 12.82 -1.90 39.46
CA GLN F 3 12.31 -2.16 40.81
C GLN F 3 11.26 -1.11 41.15
N LEU F 4 10.35 -1.42 42.07
CA LEU F 4 10.02 -2.78 42.54
C LEU F 4 8.53 -3.10 42.33
N GLN F 5 7.67 -2.23 42.87
CA GLN F 5 6.24 -2.49 42.92
C GLN F 5 5.52 -1.18 43.24
N GLN F 6 4.23 -1.30 43.53
CA GLN F 6 3.41 -0.18 43.97
C GLN F 6 2.67 -0.59 45.25
N SER F 7 2.26 0.41 46.02
CA SER F 7 1.67 0.15 47.34
C SER F 7 0.19 0.48 47.36
N GLY F 8 -0.57 -0.33 48.09
CA GLY F 8 -2.01 -0.18 48.18
C GLY F 8 -2.49 0.52 49.44
N SER F 9 -3.67 1.13 49.37
CA SER F 9 -4.25 1.88 50.48
C SER F 9 -5.61 1.30 50.84
N GLU F 10 -6.00 1.46 52.10
CA GLU F 10 -7.29 0.99 52.57
C GLU F 10 -8.28 2.14 52.69
N LEU F 11 -9.44 1.84 53.27
CA LEU F 11 -10.45 2.88 53.50
C LEU F 11 -10.02 3.79 54.63
N VAL F 12 -10.09 5.10 54.37
CA VAL F 12 -9.62 6.14 55.28
C VAL F 12 -10.86 6.86 55.83
N ARG F 13 -10.72 7.49 56.99
CA ARG F 13 -11.73 8.42 57.48
C ARG F 13 -11.94 9.55 56.47
N PRO F 14 -13.21 9.92 56.21
CA PRO F 14 -13.51 10.75 55.03
C PRO F 14 -13.09 12.21 55.16
N GLY F 15 -12.64 12.78 54.05
CA GLY F 15 -12.28 14.19 54.02
C GLY F 15 -10.79 14.44 53.86
N ALA F 16 -9.96 13.41 54.05
CA ALA F 16 -8.52 13.59 53.96
C ALA F 16 -8.06 13.60 52.52
N SER F 17 -6.78 13.90 52.32
CA SER F 17 -6.18 13.82 51.00
C SER F 17 -5.41 12.51 50.85
N VAL F 18 -5.94 11.61 50.01
CA VAL F 18 -5.36 10.30 49.76
C VAL F 18 -4.11 10.48 48.91
N LYS F 19 -3.21 9.50 48.96
CA LYS F 19 -1.94 9.56 48.26
C LYS F 19 -1.37 8.15 48.12
N LEU F 20 -1.12 7.73 46.88
CA LEU F 20 -0.50 6.45 46.60
C LEU F 20 1.02 6.59 46.65
N SER F 21 1.72 5.52 46.34
CA SER F 21 3.18 5.55 46.22
C SER F 21 3.63 4.49 45.22
N CYS F 22 4.25 4.95 44.14
CA CYS F 22 4.85 4.08 43.13
C CYS F 22 6.35 4.11 43.32
N ARG F 23 6.95 2.95 43.56
CA ARG F 23 8.37 2.84 43.84
C ARG F 23 9.17 2.50 42.59
N ALA F 24 8.80 3.07 41.44
CA ALA F 24 9.41 2.68 40.17
C ALA F 24 10.85 3.17 40.08
N SER F 25 11.79 2.31 40.47
CA SER F 25 13.20 2.64 40.46
C SER F 25 13.99 1.62 39.67
N GLY F 26 14.03 1.81 38.36
CA GLY F 26 14.97 1.12 37.48
C GLY F 26 15.62 2.20 36.66
N TYR F 27 15.58 3.40 37.21
CA TYR F 27 15.98 4.66 36.60
C TYR F 27 17.48 4.66 36.34
N THR F 28 17.97 5.21 35.21
CA THR F 28 17.40 6.04 34.09
C THR F 28 16.57 7.26 34.50
N PHE F 29 17.22 8.22 35.14
CA PHE F 29 16.54 9.37 35.72
C PHE F 29 17.13 10.67 35.19
N THR F 30 16.30 11.70 35.02
CA THR F 30 14.83 11.64 35.12
C THR F 30 14.17 12.46 34.02
N THR F 31 13.96 11.85 32.84
CA THR F 31 13.22 12.47 31.73
C THR F 31 12.31 11.42 31.09
N TYR F 32 11.12 11.23 31.65
CA TYR F 32 10.18 10.24 31.12
C TYR F 32 8.77 10.59 31.60
N TRP F 33 7.78 9.89 31.03
CA TRP F 33 6.37 10.18 31.25
C TRP F 33 5.71 9.02 31.97
N MET F 34 5.49 9.16 33.28
CA MET F 34 4.86 8.11 34.08
C MET F 34 3.35 8.15 33.91
N HIS F 35 2.89 7.53 32.82
CA HIS F 35 1.47 7.49 32.51
C HIS F 35 0.74 6.48 33.39
N TRP F 36 -0.25 6.95 34.14
CA TRP F 36 -0.98 6.14 35.11
C TRP F 36 -2.23 5.55 34.48
N VAL F 37 -2.15 4.30 34.04
CA VAL F 37 -3.28 3.57 33.47
C VAL F 37 -4.16 3.11 34.62
N LYS F 38 -5.48 3.19 34.43
CA LYS F 38 -6.43 2.71 35.42
C LYS F 38 -7.26 1.57 34.84
N GLN F 39 -7.81 0.74 35.72
CA GLN F 39 -8.63 -0.39 35.30
C GLN F 39 -9.64 -0.76 36.37
N ARG F 40 -10.91 -0.81 35.99
CA ARG F 40 -12.00 -1.27 36.82
C ARG F 40 -12.06 -2.80 36.81
N PRO F 41 -12.86 -3.42 37.69
CA PRO F 41 -13.28 -4.82 37.47
C PRO F 41 -14.01 -5.10 36.16
N GLY F 42 -14.47 -4.07 35.44
CA GLY F 42 -14.97 -4.22 34.09
C GLY F 42 -13.87 -4.21 33.03
N GLN F 43 -12.61 -4.28 33.49
CA GLN F 43 -11.41 -4.53 32.68
C GLN F 43 -11.16 -3.44 31.62
N GLY F 44 -11.69 -2.25 31.86
CA GLY F 44 -11.55 -1.13 30.94
C GLY F 44 -10.31 -0.31 31.28
N LEU F 45 -9.49 -0.07 30.26
CA LEU F 45 -8.15 0.49 30.44
C LEU F 45 -8.12 1.95 29.98
N GLU F 46 -8.17 2.89 30.94
CA GLU F 46 -8.02 4.31 30.63
C GLU F 46 -6.91 4.89 31.49
N TRP F 47 -6.69 6.20 31.36
CA TRP F 47 -5.50 6.85 31.92
C TRP F 47 -5.91 7.87 32.99
N ILE F 48 -5.03 8.07 33.98
CA ILE F 48 -5.32 8.95 35.12
C ILE F 48 -4.49 10.23 35.07
N GLY F 49 -3.17 10.11 34.87
CA GLY F 49 -2.33 11.29 34.85
C GLY F 49 -0.85 11.04 34.69
N ASN F 50 -0.13 11.97 34.05
CA ASN F 50 1.31 11.83 33.80
C ASN F 50 2.03 13.04 34.35
N ILE F 51 3.37 13.02 34.27
CA ILE F 51 4.20 14.13 34.70
C ILE F 51 5.50 14.13 33.90
N TYR F 52 6.30 15.18 34.08
CA TYR F 52 7.60 15.29 33.44
C TYR F 52 8.51 15.89 34.50
N PRO F 53 9.67 15.27 34.73
CA PRO F 53 10.52 15.77 35.82
C PRO F 53 11.39 16.97 35.44
N HIS F 54 11.70 17.15 34.15
CA HIS F 54 12.60 18.24 33.77
C HIS F 54 11.94 19.60 33.91
N SER F 55 10.63 19.67 33.72
CA SER F 55 9.92 20.94 33.82
C SER F 55 8.84 20.95 34.88
N GLY F 56 8.07 19.87 35.00
CA GLY F 56 6.90 19.83 35.85
C GLY F 56 5.60 19.81 35.09
N ASN F 57 5.64 19.55 33.78
CA ASN F 57 4.45 19.64 32.95
C ASN F 57 3.55 18.43 33.13
N THR F 58 2.70 18.47 34.15
CA THR F 58 1.79 17.37 34.42
C THR F 58 0.63 17.38 33.42
N ASN F 59 -0.10 16.27 33.39
CA ASN F 59 -1.27 16.14 32.53
C ASN F 59 -2.37 15.43 33.30
N TYR F 60 -3.53 15.22 32.66
CA TYR F 60 -4.65 14.58 33.31
C TYR F 60 -5.59 13.94 32.30
N ASP F 61 -6.79 13.56 32.74
CA ASP F 61 -7.81 12.97 31.87
C ASP F 61 -9.16 13.47 32.39
N GLU F 62 -10.14 13.58 31.49
CA GLU F 62 -11.39 14.31 31.68
C GLU F 62 -12.22 13.83 32.88
N ARG F 63 -12.06 12.57 33.27
CA ARG F 63 -12.80 12.06 34.43
C ARG F 63 -12.11 12.43 35.73
N PHE F 64 -10.79 12.55 35.70
CA PHE F 64 -10.00 12.81 36.91
C PHE F 64 -9.49 14.24 37.01
N LYS F 65 -10.05 15.17 36.23
CA LYS F 65 -9.73 16.57 36.45
C LYS F 65 -10.47 17.10 37.67
N SER F 66 -9.86 18.10 38.31
CA SER F 66 -10.40 18.81 39.48
C SER F 66 -10.70 17.87 40.67
N LYS F 67 -9.67 17.31 41.30
CA LYS F 67 -8.24 17.65 41.13
C LYS F 67 -7.39 16.41 41.37
N ALA F 68 -6.38 16.20 40.52
CA ALA F 68 -5.43 15.10 40.69
C ALA F 68 -4.02 15.68 40.62
N THR F 69 -3.49 16.06 41.77
CA THR F 69 -2.17 16.65 41.84
C THR F 69 -1.09 15.58 41.83
N LEU F 70 -0.14 15.69 40.90
CA LEU F 70 0.96 14.75 40.77
C LEU F 70 2.26 15.57 40.67
N THR F 71 2.86 15.85 41.82
CA THR F 71 4.10 16.61 41.84
C THR F 71 5.30 15.68 41.84
N VAL F 72 6.35 16.08 41.13
CA VAL F 72 7.53 15.24 40.93
C VAL F 72 8.48 15.48 42.11
N ASP F 73 9.03 14.38 42.63
CA ASP F 73 10.06 14.41 43.66
C ASP F 73 11.08 13.32 43.33
N THR F 74 12.11 13.70 42.58
CA THR F 74 13.09 12.78 42.04
C THR F 74 14.03 12.21 43.09
N SER F 75 14.19 12.87 44.23
CA SER F 75 14.98 12.30 45.31
C SER F 75 14.28 11.12 45.96
N SER F 76 12.94 11.11 45.90
CA SER F 76 12.19 9.98 46.41
C SER F 76 11.88 8.97 45.31
N SER F 77 11.97 9.41 44.05
CA SER F 77 11.69 8.67 42.81
C SER F 77 10.26 8.12 42.80
N THR F 78 9.29 8.84 43.35
CA THR F 78 7.94 8.30 43.47
C THR F 78 6.99 9.00 42.52
N ALA F 79 5.86 8.34 42.26
CA ALA F 79 4.83 8.86 41.37
C ALA F 79 3.45 8.61 42.00
N TYR F 80 2.72 9.69 42.24
CA TYR F 80 1.42 9.64 42.91
C TYR F 80 0.33 9.71 41.85
N MET F 81 -0.82 9.12 42.15
CA MET F 81 -1.93 9.06 41.20
C MET F 81 -3.28 9.28 41.86
N GLN F 82 -3.31 9.59 43.15
CA GLN F 82 -4.57 9.83 43.84
C GLN F 82 -5.15 11.18 43.42
N LEU F 83 -6.47 11.25 43.33
CA LEU F 83 -7.18 12.44 42.93
C LEU F 83 -7.99 12.98 44.11
N SER F 84 -7.94 14.29 44.31
CA SER F 84 -8.78 14.93 45.32
C SER F 84 -10.20 15.08 44.78
N SER F 85 -11.14 15.17 45.73
CA SER F 85 -12.59 15.32 45.48
C SER F 85 -13.14 14.16 44.65
N LEU F 86 -12.60 12.96 44.92
CA LEU F 86 -13.05 11.76 44.23
C LEU F 86 -14.28 11.19 44.90
N THR F 87 -14.96 10.28 44.20
CA THR F 87 -16.20 9.70 44.67
C THR F 87 -15.98 8.19 44.81
N SER F 88 -17.06 7.45 45.07
CA SER F 88 -16.94 6.02 45.38
C SER F 88 -16.82 5.16 44.12
N GLU F 89 -16.69 5.78 42.94
CA GLU F 89 -16.55 5.02 41.71
C GLU F 89 -15.13 4.50 41.48
N ASP F 90 -14.14 5.05 42.19
CA ASP F 90 -12.74 4.76 41.92
C ASP F 90 -12.21 3.47 42.52
N SER F 91 -13.09 2.52 42.87
CA SER F 91 -12.61 1.20 43.27
C SER F 91 -12.04 0.47 42.07
N ALA F 92 -10.72 0.53 41.92
CA ALA F 92 -10.07 0.16 40.66
C ALA F 92 -8.63 -0.23 40.97
N VAL F 93 -8.05 -1.05 40.08
CA VAL F 93 -6.65 -1.43 40.21
C VAL F 93 -5.79 -0.39 39.49
N TYR F 94 -4.77 0.11 40.18
CA TYR F 94 -4.09 1.35 39.82
C TYR F 94 -2.68 1.06 39.34
N TYR F 95 -2.46 1.16 38.03
CA TYR F 95 -1.16 1.01 37.43
C TYR F 95 -0.41 2.34 37.43
N CYS F 96 0.91 2.27 37.53
CA CYS F 96 1.78 3.43 37.47
C CYS F 96 2.99 3.10 36.61
N THR F 97 2.87 3.36 35.30
CA THR F 97 3.78 2.81 34.30
C THR F 97 4.75 3.87 33.84
N ARG F 98 6.05 3.57 33.93
CA ARG F 98 7.05 4.41 33.28
C ARG F 98 6.99 4.21 31.77
N ASP F 99 7.69 5.07 31.05
CA ASP F 99 7.51 5.14 29.61
C ASP F 99 8.66 4.49 28.85
N LEU F 100 8.32 4.04 27.65
CA LEU F 100 9.25 3.68 26.59
C LEU F 100 8.45 3.98 25.34
N ARG F 101 8.81 3.42 24.18
CA ARG F 101 8.06 3.61 22.94
C ARG F 101 6.59 3.20 23.04
N GLY F 102 6.30 2.02 23.58
CA GLY F 102 4.91 1.66 23.81
C GLY F 102 4.47 1.87 25.24
N PHE F 103 3.90 0.83 25.84
CA PHE F 103 3.59 0.78 27.26
C PHE F 103 4.38 -0.31 27.96
N ALA F 104 5.69 -0.36 27.72
CA ALA F 104 6.59 -1.50 28.00
C ALA F 104 6.64 -1.76 29.51
N TYR F 105 7.04 -0.80 30.33
CA TYR F 105 7.21 -1.04 31.75
C TYR F 105 5.96 -0.65 32.51
N TRP F 106 5.11 -1.64 32.76
CA TRP F 106 3.86 -1.48 33.49
C TRP F 106 4.08 -1.72 34.97
N GLY F 107 3.09 -1.35 35.77
CA GLY F 107 3.09 -1.68 37.17
C GLY F 107 2.21 -2.88 37.46
N GLN F 108 2.38 -3.42 38.67
CA GLN F 108 1.62 -4.56 39.12
C GLN F 108 0.20 -4.20 39.54
N GLY F 109 -0.04 -2.95 39.91
CA GLY F 109 -1.39 -2.47 40.14
C GLY F 109 -1.94 -2.72 41.52
N THR F 110 -2.42 -1.68 42.17
CA THR F 110 -3.02 -1.74 43.50
C THR F 110 -4.49 -1.37 43.43
N THR F 111 -5.31 -2.14 44.14
CA THR F 111 -6.74 -1.87 44.26
C THR F 111 -7.03 -1.12 45.55
N VAL F 112 -7.75 0.00 45.41
CA VAL F 112 -8.15 0.85 46.54
C VAL F 112 -9.61 1.19 46.34
N THR F 113 -10.45 0.86 47.31
CA THR F 113 -11.85 1.25 47.31
C THR F 113 -12.02 2.45 48.24
N VAL F 114 -13.09 3.20 48.05
CA VAL F 114 -13.41 4.33 48.92
C VAL F 114 -14.93 4.47 49.00
N SER F 115 -15.42 4.61 50.23
CA SER F 115 -16.83 4.79 50.56
C SER F 115 -16.86 5.29 52.01
N SER F 116 -18.02 5.17 52.62
CA SER F 116 -18.03 5.25 54.09
C SER F 116 -18.61 3.99 54.73
N PRO F 117 -17.98 2.80 54.58
CA PRO F 117 -18.54 1.60 55.24
C PRO F 117 -17.87 1.32 56.58
N LYS F 118 -18.36 0.29 57.27
CA LYS F 118 -17.67 -0.24 58.42
C LYS F 118 -17.13 -1.63 58.10
N THR F 119 -15.92 -1.91 58.60
CA THR F 119 -15.31 -3.22 58.43
C THR F 119 -16.10 -4.28 59.21
N THR F 120 -16.67 -5.24 58.48
CA THR F 120 -17.46 -6.29 59.07
C THR F 120 -16.66 -7.60 59.08
N PRO F 121 -16.81 -8.43 60.10
CA PRO F 121 -16.06 -9.68 60.17
C PRO F 121 -16.61 -10.70 59.18
N PRO F 122 -15.77 -11.64 58.72
CA PRO F 122 -16.28 -12.74 57.90
C PRO F 122 -17.15 -13.70 58.70
N SER F 123 -17.94 -14.48 57.97
CA SER F 123 -18.85 -15.44 58.57
C SER F 123 -18.74 -16.77 57.86
N VAL F 124 -17.94 -17.68 58.41
CA VAL F 124 -17.70 -19.00 57.85
C VAL F 124 -18.86 -19.90 58.25
N TYR F 125 -19.63 -20.34 57.26
CA TYR F 125 -20.86 -21.08 57.53
C TYR F 125 -20.73 -22.53 57.04
N PRO F 126 -21.40 -23.49 57.68
CA PRO F 126 -21.24 -24.90 57.30
C PRO F 126 -21.88 -25.23 55.97
N LEU F 127 -21.13 -25.96 55.14
CA LEU F 127 -21.62 -26.59 53.92
C LEU F 127 -21.20 -28.05 53.95
N ALA F 128 -22.15 -28.92 54.35
CA ALA F 128 -21.94 -30.36 54.38
C ALA F 128 -23.19 -31.08 53.84
N PRO F 129 -23.01 -32.12 53.03
CA PRO F 129 -24.17 -32.82 52.48
C PRO F 129 -24.82 -33.74 53.51
N ALA F 130 -26.08 -34.07 53.25
CA ALA F 130 -26.86 -34.90 54.16
C ALA F 130 -26.86 -36.36 53.72
N ALA F 135 -22.48 -40.47 49.36
CA ALA F 135 -23.40 -41.11 48.44
C ALA F 135 -22.67 -41.62 47.20
N ALA F 136 -21.35 -41.50 47.21
CA ALA F 136 -20.52 -41.93 46.10
C ALA F 136 -19.14 -42.33 46.64
N SER F 137 -18.17 -42.43 45.75
CA SER F 137 -16.77 -42.70 46.12
C SER F 137 -16.02 -41.43 46.47
N MET F 138 -16.66 -40.27 46.33
CA MET F 138 -16.04 -38.99 46.65
C MET F 138 -17.14 -38.01 47.04
N VAL F 139 -16.74 -36.83 47.49
CA VAL F 139 -17.68 -35.77 47.86
C VAL F 139 -16.98 -34.43 47.65
N THR F 140 -17.78 -33.38 47.53
CA THR F 140 -17.27 -32.01 47.54
C THR F 140 -17.47 -31.45 48.93
N LEU F 141 -16.96 -30.24 49.17
CA LEU F 141 -17.06 -29.60 50.47
C LEU F 141 -17.31 -28.11 50.27
N GLY F 142 -17.12 -27.34 51.33
CA GLY F 142 -17.23 -25.90 51.22
C GLY F 142 -17.49 -25.25 52.56
N CYS F 143 -17.27 -23.95 52.60
CA CYS F 143 -17.66 -23.12 53.74
C CYS F 143 -17.87 -21.70 53.25
N LEU F 144 -19.14 -21.27 53.22
CA LEU F 144 -19.52 -19.98 52.64
C LEU F 144 -19.03 -18.86 53.54
N VAL F 145 -18.50 -17.81 52.94
CA VAL F 145 -18.17 -16.58 53.66
C VAL F 145 -19.14 -15.50 53.19
N LYS F 146 -20.00 -15.06 54.11
CA LYS F 146 -21.06 -14.11 53.82
C LYS F 146 -20.89 -12.86 54.64
N GLY F 147 -20.93 -11.71 53.97
CA GLY F 147 -20.93 -10.44 54.68
C GLY F 147 -19.58 -9.94 55.13
N TYR F 148 -18.65 -9.72 54.20
CA TYR F 148 -17.41 -9.01 54.50
C TYR F 148 -17.29 -7.80 53.58
N PHE F 149 -17.13 -6.63 54.19
CA PHE F 149 -17.23 -5.36 53.47
C PHE F 149 -15.96 -4.97 52.69
N PRO F 150 -14.73 -5.03 53.23
CA PRO F 150 -13.58 -4.70 52.36
C PRO F 150 -13.13 -5.91 51.56
N GLU F 151 -12.52 -5.62 50.40
CA GLU F 151 -12.16 -6.67 49.44
C GLU F 151 -11.15 -7.75 49.88
N PRO F 152 -10.22 -7.54 50.84
CA PRO F 152 -9.38 -8.68 51.24
C PRO F 152 -10.14 -9.83 51.90
N VAL F 153 -9.98 -11.02 51.34
CA VAL F 153 -10.53 -12.25 51.91
C VAL F 153 -9.45 -13.32 51.82
N THR F 154 -9.58 -14.36 52.63
CA THR F 154 -8.64 -15.47 52.66
C THR F 154 -9.35 -16.77 52.35
N VAL F 155 -8.71 -17.63 51.56
CA VAL F 155 -9.22 -18.96 51.21
C VAL F 155 -8.19 -19.99 51.64
N THR F 156 -8.43 -20.63 52.78
CA THR F 156 -7.52 -21.65 53.28
C THR F 156 -8.27 -22.96 53.48
N TRP F 157 -7.60 -24.07 53.14
CA TRP F 157 -8.11 -25.41 53.39
C TRP F 157 -7.06 -26.21 54.14
N ASN F 158 -7.37 -26.56 55.41
CA ASN F 158 -6.59 -27.48 56.23
C ASN F 158 -5.14 -27.05 56.44
N SER F 159 -4.91 -25.73 56.51
CA SER F 159 -3.60 -25.11 56.69
C SER F 159 -2.62 -25.49 55.57
N GLY F 160 -3.17 -25.70 54.36
CA GLY F 160 -2.39 -25.98 53.18
C GLY F 160 -1.95 -27.42 53.04
N SER F 161 -2.84 -28.39 53.27
CA SER F 161 -2.49 -29.79 53.08
C SER F 161 -3.42 -30.48 52.09
N LEU F 162 -4.62 -29.92 51.91
CA LEU F 162 -5.56 -30.40 50.92
C LEU F 162 -5.85 -29.36 49.85
N SER F 163 -4.82 -28.65 49.38
CA SER F 163 -5.03 -27.44 48.59
C SER F 163 -4.91 -27.71 47.09
N SER F 164 -5.44 -28.84 46.61
CA SER F 164 -5.40 -29.09 45.19
C SER F 164 -6.71 -28.75 44.48
N GLY F 165 -7.84 -29.33 44.88
CA GLY F 165 -9.10 -29.07 44.22
C GLY F 165 -9.89 -27.92 44.80
N VAL F 166 -9.22 -26.80 45.06
CA VAL F 166 -9.85 -25.60 45.60
C VAL F 166 -10.17 -24.66 44.47
N HIS F 167 -11.44 -24.62 44.06
CA HIS F 167 -11.92 -23.75 43.00
C HIS F 167 -12.28 -22.40 43.61
N THR F 168 -11.64 -21.34 43.14
CA THR F 168 -11.75 -20.01 43.73
C THR F 168 -12.82 -19.20 43.02
N PHE F 169 -13.85 -18.80 43.76
CA PHE F 169 -15.00 -18.09 43.21
C PHE F 169 -14.93 -16.61 43.60
N PRO F 170 -15.25 -15.70 42.70
CA PRO F 170 -15.26 -14.27 43.06
C PRO F 170 -16.51 -13.88 43.82
N ALA F 171 -16.40 -12.80 44.59
CA ALA F 171 -17.52 -12.34 45.42
C ALA F 171 -18.20 -11.15 44.78
N VAL F 172 -19.25 -11.42 44.00
CA VAL F 172 -20.08 -10.37 43.41
C VAL F 172 -20.87 -9.70 44.53
N LEU F 173 -20.80 -8.38 44.60
CA LEU F 173 -21.41 -7.62 45.68
C LEU F 173 -22.91 -7.50 45.47
N GLN F 174 -23.67 -7.72 46.54
CA GLN F 174 -25.09 -7.42 46.57
C GLN F 174 -25.40 -6.79 47.92
N SER F 175 -26.21 -5.73 47.89
CA SER F 175 -26.53 -4.87 49.04
C SER F 175 -25.26 -4.36 49.73
N ASP F 176 -24.25 -4.01 48.94
CA ASP F 176 -22.93 -3.55 49.36
C ASP F 176 -22.24 -4.52 50.31
N LEU F 177 -22.25 -5.81 49.99
CA LEU F 177 -21.54 -6.82 50.76
C LEU F 177 -21.14 -7.98 49.84
N TYR F 178 -19.97 -8.55 50.12
CA TYR F 178 -19.33 -9.54 49.26
C TYR F 178 -19.74 -10.95 49.66
N THR F 179 -19.98 -11.80 48.66
CA THR F 179 -20.40 -13.19 48.85
C THR F 179 -19.73 -14.09 47.83
N LEU F 180 -18.80 -14.93 48.28
CA LEU F 180 -18.20 -15.96 47.44
C LEU F 180 -18.34 -17.32 48.11
N SER F 181 -17.80 -18.34 47.45
CA SER F 181 -17.77 -19.70 47.97
C SER F 181 -16.39 -20.30 47.74
N SER F 182 -16.08 -21.35 48.50
CA SER F 182 -14.76 -21.96 48.47
C SER F 182 -14.86 -23.44 48.83
N SER F 183 -14.69 -24.30 47.84
CA SER F 183 -14.92 -25.73 47.97
C SER F 183 -13.61 -26.52 47.87
N VAL F 184 -13.71 -27.82 48.12
CA VAL F 184 -12.60 -28.76 47.94
C VAL F 184 -13.19 -30.15 47.71
N THR F 185 -12.44 -30.97 47.00
CA THR F 185 -12.83 -32.35 46.72
C THR F 185 -12.29 -33.26 47.80
N VAL F 186 -13.17 -34.06 48.40
CA VAL F 186 -12.81 -34.94 49.50
C VAL F 186 -13.16 -36.38 49.14
N PRO F 187 -12.18 -37.28 49.06
CA PRO F 187 -12.50 -38.69 48.76
C PRO F 187 -13.17 -39.39 49.94
N SER F 188 -13.67 -40.60 49.68
CA SER F 188 -14.42 -41.32 50.71
C SER F 188 -13.48 -42.05 51.68
N SER F 189 -12.19 -42.14 51.34
CA SER F 189 -11.22 -42.66 52.29
C SER F 189 -10.99 -41.71 53.47
N THR F 190 -11.14 -40.41 53.27
CA THR F 190 -10.98 -39.42 54.32
C THR F 190 -12.31 -38.87 54.83
N TRP F 191 -13.43 -39.32 54.27
CA TRP F 191 -14.73 -38.83 54.66
C TRP F 191 -15.61 -39.97 55.14
N PRO F 192 -16.13 -39.89 56.38
CA PRO F 192 -15.89 -38.85 57.40
C PRO F 192 -14.85 -39.28 58.43
N SER F 193 -13.70 -39.77 57.98
CA SER F 193 -12.72 -40.35 58.89
C SER F 193 -11.93 -39.28 59.64
N GLU F 194 -11.35 -38.32 58.92
CA GLU F 194 -10.45 -37.34 59.52
C GLU F 194 -11.06 -35.94 59.50
N THR F 195 -10.50 -35.07 60.34
CA THR F 195 -11.08 -33.74 60.54
C THR F 195 -10.55 -32.75 59.52
N VAL F 196 -11.46 -32.22 58.70
CA VAL F 196 -11.13 -31.25 57.66
C VAL F 196 -11.71 -29.91 58.09
N THR F 197 -10.91 -28.85 57.97
CA THR F 197 -11.30 -27.53 58.46
C THR F 197 -10.88 -26.45 57.47
N CYS F 198 -11.53 -25.29 57.55
CA CYS F 198 -11.20 -24.13 56.73
C CYS F 198 -11.12 -22.88 57.59
N ASN F 199 -10.50 -21.84 57.06
CA ASN F 199 -10.31 -20.59 57.80
C ASN F 199 -10.33 -19.41 56.83
N VAL F 200 -11.25 -18.48 57.05
CA VAL F 200 -11.31 -17.22 56.31
C VAL F 200 -10.89 -16.12 57.26
N ALA F 201 -9.80 -15.43 56.93
CA ALA F 201 -9.22 -14.41 57.80
C ALA F 201 -9.26 -13.05 57.11
N HIS F 202 -9.65 -12.03 57.87
CA HIS F 202 -9.70 -10.66 57.38
C HIS F 202 -8.62 -9.86 58.08
N PRO F 203 -7.50 -9.60 57.40
CA PRO F 203 -6.40 -8.86 58.05
C PRO F 203 -6.70 -7.38 58.24
N ALA F 204 -7.62 -6.81 57.46
CA ALA F 204 -7.99 -5.41 57.66
C ALA F 204 -8.88 -5.23 58.88
N SER F 205 -9.63 -6.27 59.27
CA SER F 205 -10.53 -6.20 60.41
C SER F 205 -10.06 -7.03 61.60
N SER F 206 -9.04 -7.89 61.41
CA SER F 206 -8.36 -8.64 62.48
C SER F 206 -9.30 -9.58 63.24
N THR F 207 -9.82 -10.60 62.54
CA THR F 207 -10.58 -11.67 63.17
C THR F 207 -10.42 -12.95 62.35
N LYS F 208 -10.27 -14.08 63.04
CA LYS F 208 -9.99 -15.36 62.41
C LYS F 208 -11.10 -16.35 62.79
N VAL F 209 -11.74 -16.93 61.78
CA VAL F 209 -12.85 -17.84 61.99
C VAL F 209 -12.48 -19.22 61.49
N ASP F 210 -12.49 -20.20 62.39
CA ASP F 210 -12.16 -21.58 62.09
C ASP F 210 -13.36 -22.48 62.40
N LYS F 211 -13.64 -23.42 61.50
CA LYS F 211 -14.76 -24.33 61.66
C LYS F 211 -14.34 -25.72 61.20
N LYS F 212 -14.72 -26.73 61.99
CA LYS F 212 -14.44 -28.13 61.64
C LYS F 212 -15.70 -28.75 61.05
N ILE F 213 -15.59 -29.31 59.84
CA ILE F 213 -16.76 -29.75 59.11
C ILE F 213 -17.10 -31.19 59.47
N VAL F 214 -18.32 -31.40 59.97
CA VAL F 214 -18.84 -32.72 60.30
C VAL F 214 -20.14 -32.91 59.51
N PRO F 215 -20.31 -34.01 58.79
CA PRO F 215 -21.53 -34.19 57.99
C PRO F 215 -22.76 -34.50 58.83
N ARG F 216 -23.87 -33.85 58.47
CA ARG F 216 -25.14 -34.10 59.12
C ARG F 216 -25.76 -35.40 58.63
C1 SPH G . 13.57 1.47 -5.58
O1 SPH G . 14.24 0.51 -4.81
C2 SPH G . 14.54 2.58 -6.00
N2 SPH G . 14.20 3.01 -7.34
C3 SPH G . 14.47 3.79 -5.09
O3 SPH G . 13.64 3.53 -3.97
C4 SPH G . 15.82 4.19 -4.60
C5 SPH G . 16.23 3.75 -3.26
C6 SPH G . 17.39 4.42 -2.57
C7 SPH G . 18.56 3.46 -2.40
C8 SPH G . 19.62 4.02 -1.45
C9 SPH G . 19.00 4.52 -0.15
C10 SPH G . 19.92 4.28 1.04
C11 SPH G . 20.81 5.47 1.30
C12 SPH G . 20.52 6.12 2.65
C13 SPH G . 21.81 6.49 3.37
C14 SPH G . 21.83 7.95 3.81
C15 SPH G . 23.03 8.21 4.71
C16 SPH G . 22.60 8.95 5.98
C17 SPH G . 23.66 8.82 7.06
C18 SPH G . 23.12 9.33 8.41
#